data_7TZJ
#
_entry.id   7TZJ
#
_cell.length_a   72.951
_cell.length_b   90.632
_cell.length_c   99.766
_cell.angle_alpha   90.000
_cell.angle_beta   90.000
_cell.angle_gamma   90.000
#
_symmetry.space_group_name_H-M   'P 21 21 2'
#
loop_
_entity.id
_entity.type
_entity.pdbx_description
1 polymer 'Papain-like protease'
2 non-polymer N-[(3-fluorophenyl)methyl]-1-[(1R)-1-naphthalen-1-ylethyl]piperidine-4-carboxamide
3 non-polymer 'ZINC ION'
4 non-polymer 'DIMETHYL SULFOXIDE'
5 water water
#
_entity_poly.entity_id   1
_entity_poly.type   'polypeptide(L)'
_entity_poly.pdbx_seq_one_letter_code
;SNAEVRTIKVFTTVDNINLHTQVVDMSMTYGQQFGPTYLDGADVTKIKPHNSHEGKTFYVLPNDDTLRVEAFEYYHTTDP
SFLGRYMSALNHTKKWKYPQVNGLTSIKWADNNSYLATALLTLQQIELKFNPPALQDAYYRARAGEAANFCALILAYCNK
TVGELGDVRETMSYLFQHANLDSCKRVLNVVCKTCGQQQTTLKGVEAVMYMGTLSYEQFKKGVQIPCTCGKQATKYLVQQ
ESPFVMMSAPPAQYELKHGTFTCASEYTGNYQCGHYKHITSKETLYCIDGALLTKSSEYKGPITDVFYKENSYTTTIK
;
_entity_poly.pdbx_strand_id   A,B
#
loop_
_chem_comp.id
_chem_comp.type
_chem_comp.name
_chem_comp.formula
DMS non-polymer 'DIMETHYL SULFOXIDE' 'C2 H6 O S'
S88 non-polymer N-[(3-fluorophenyl)methyl]-1-[(1R)-1-naphthalen-1-ylethyl]piperidine-4-carboxamide 'C25 H27 F N2 O'
ZN non-polymer 'ZINC ION' 'Zn 2'
#
# COMPACT_ATOMS: atom_id res chain seq x y z
N ARG A 6 -13.38 35.04 -46.19
CA ARG A 6 -12.52 36.06 -45.59
C ARG A 6 -12.27 35.86 -44.09
N THR A 7 -13.16 35.16 -43.39
CA THR A 7 -13.00 34.95 -41.95
C THR A 7 -13.48 33.57 -41.54
N ILE A 8 -12.93 33.10 -40.42
CA ILE A 8 -13.44 31.92 -39.73
C ILE A 8 -13.33 32.14 -38.22
N LYS A 9 -14.19 31.48 -37.47
CA LYS A 9 -14.17 31.57 -36.02
C LYS A 9 -13.44 30.36 -35.46
N VAL A 10 -12.36 30.62 -34.73
CA VAL A 10 -11.61 29.58 -34.05
C VAL A 10 -11.55 29.94 -32.58
N PHE A 11 -11.00 29.02 -31.80
CA PHE A 11 -10.76 29.25 -30.38
C PHE A 11 -9.26 29.29 -30.13
N THR A 12 -8.84 30.19 -29.26
CA THR A 12 -7.46 30.26 -28.83
C THR A 12 -7.41 30.03 -27.32
N THR A 13 -6.34 29.37 -26.89
CA THR A 13 -6.21 29.01 -25.49
C THR A 13 -4.74 28.90 -25.11
N VAL A 14 -4.48 28.96 -23.80
CA VAL A 14 -3.20 28.55 -23.24
C VAL A 14 -3.30 27.33 -22.34
N ASP A 15 -4.50 27.01 -21.82
CA ASP A 15 -4.68 25.83 -21.00
C ASP A 15 -5.64 24.81 -21.59
N ASN A 16 -6.24 25.09 -22.75
CA ASN A 16 -7.33 24.28 -23.26
C ASN A 16 -8.41 24.10 -22.21
N ILE A 17 -8.51 25.05 -21.30
CA ILE A 17 -9.60 25.14 -20.34
C ILE A 17 -10.44 26.39 -20.58
N ASN A 18 -9.80 27.55 -20.66
CA ASN A 18 -10.46 28.82 -20.95
C ASN A 18 -10.30 29.12 -22.43
N LEU A 19 -11.37 28.87 -23.19
CA LEU A 19 -11.35 29.07 -24.63
C LEU A 19 -11.80 30.49 -24.97
N HIS A 20 -11.10 31.10 -25.93
CA HIS A 20 -11.37 32.48 -26.31
C HIS A 20 -11.72 32.52 -27.79
N THR A 21 -12.88 33.06 -28.12
CA THR A 21 -13.29 33.14 -29.51
C THR A 21 -12.44 34.17 -30.27
N GLN A 22 -11.99 33.78 -31.46
CA GLN A 22 -11.22 34.64 -32.33
C GLN A 22 -11.78 34.55 -33.74
N VAL A 23 -11.88 35.70 -34.39
CA VAL A 23 -12.19 35.74 -35.82
C VAL A 23 -10.86 35.91 -36.56
N VAL A 24 -10.57 34.96 -37.45
CA VAL A 24 -9.29 34.85 -38.12
C VAL A 24 -9.49 35.21 -39.59
N ASP A 25 -8.70 36.18 -40.07
CA ASP A 25 -8.65 36.51 -41.48
C ASP A 25 -7.91 35.40 -42.24
N MET A 26 -8.51 34.93 -43.32
CA MET A 26 -7.93 33.80 -44.03
C MET A 26 -6.84 34.21 -45.01
N SER A 27 -6.52 35.50 -45.11
CA SER A 27 -5.48 36.00 -45.98
C SER A 27 -4.16 36.23 -45.26
N MET A 28 -4.10 35.96 -43.97
CA MET A 28 -2.90 36.17 -43.18
C MET A 28 -2.63 34.92 -42.36
N THR A 29 -1.34 34.62 -42.17
CA THR A 29 -1.00 33.43 -41.41
C THR A 29 -1.38 33.60 -39.94
N TYR A 30 -1.50 32.47 -39.25
CA TYR A 30 -1.69 32.53 -37.81
C TYR A 30 -0.58 33.34 -37.15
N GLY A 31 0.64 33.24 -37.69
CA GLY A 31 1.75 33.94 -37.08
C GLY A 31 1.57 35.44 -37.06
N GLN A 32 1.07 36.01 -38.16
CA GLN A 32 0.88 37.46 -38.21
C GLN A 32 -0.21 37.93 -37.27
N GLN A 33 -1.23 37.09 -37.03
CA GLN A 33 -2.37 37.55 -36.27
C GLN A 33 -2.24 37.29 -34.78
N PHE A 34 -1.69 36.14 -34.39
CA PHE A 34 -1.63 35.73 -32.99
C PHE A 34 -0.23 35.40 -32.50
N GLY A 35 0.80 35.55 -33.33
CA GLY A 35 2.10 35.02 -33.01
C GLY A 35 2.13 33.50 -33.10
N PRO A 36 3.08 32.87 -32.40
CA PRO A 36 3.18 31.41 -32.45
C PRO A 36 1.86 30.72 -32.10
N THR A 37 1.37 29.89 -33.02
CA THR A 37 0.07 29.23 -32.90
C THR A 37 0.24 27.74 -33.18
N TYR A 38 -0.41 26.91 -32.36
CA TYR A 38 -0.29 25.46 -32.47
C TYR A 38 -1.66 24.81 -32.55
N LEU A 39 -1.76 23.73 -33.33
CA LEU A 39 -2.97 22.93 -33.46
C LEU A 39 -2.62 21.48 -33.13
N ASP A 40 -2.95 21.07 -31.91
CA ASP A 40 -2.65 19.72 -31.44
C ASP A 40 -1.15 19.42 -31.58
N GLY A 41 -0.33 20.36 -31.09
CA GLY A 41 1.11 20.25 -31.14
C GLY A 41 1.75 20.68 -32.44
N ALA A 42 0.99 20.74 -33.53
CA ALA A 42 1.54 21.14 -34.81
C ALA A 42 1.67 22.66 -34.88
N ASP A 43 2.73 23.12 -35.54
CA ASP A 43 3.01 24.54 -35.68
C ASP A 43 2.28 25.09 -36.90
N VAL A 44 1.25 25.91 -36.67
CA VAL A 44 0.50 26.54 -37.74
C VAL A 44 0.84 28.02 -37.85
N THR A 45 1.98 28.44 -37.30
CA THR A 45 2.34 29.85 -37.31
C THR A 45 2.50 30.38 -38.73
N LYS A 46 3.25 29.65 -39.55
CA LYS A 46 3.51 30.05 -40.93
C LYS A 46 2.47 29.50 -41.90
N ILE A 47 1.30 29.15 -41.39
CA ILE A 47 0.23 28.56 -42.18
C ILE A 47 -0.99 29.48 -42.10
N LYS A 48 -1.58 29.78 -43.24
CA LYS A 48 -2.83 30.53 -43.24
C LYS A 48 -3.99 29.63 -42.81
N PRO A 49 -5.09 30.22 -42.35
CA PRO A 49 -6.23 29.40 -41.94
C PRO A 49 -6.77 28.57 -43.09
N HIS A 50 -7.21 27.37 -42.75
CA HIS A 50 -7.94 26.49 -43.66
C HIS A 50 -9.39 26.36 -43.20
N ASN A 51 -10.25 25.96 -44.13
CA ASN A 51 -11.67 25.83 -43.80
C ASN A 51 -11.91 24.75 -42.76
N SER A 52 -11.04 23.75 -42.69
CA SER A 52 -11.21 22.70 -41.68
C SER A 52 -10.88 23.21 -40.28
N HIS A 53 -10.27 24.39 -40.15
CA HIS A 53 -9.91 24.94 -38.86
C HIS A 53 -11.07 25.63 -38.15
N GLU A 54 -12.14 25.93 -38.88
CA GLU A 54 -13.34 26.49 -38.28
C GLU A 54 -13.76 25.67 -37.06
N GLY A 55 -13.97 26.35 -35.94
CA GLY A 55 -14.39 25.71 -34.71
C GLY A 55 -13.29 25.04 -33.91
N LYS A 56 -12.11 24.85 -34.49
CA LYS A 56 -11.03 24.14 -33.80
C LYS A 56 -10.32 25.06 -32.80
N THR A 57 -9.69 24.42 -31.81
CA THR A 57 -8.97 25.11 -30.76
C THR A 57 -7.47 25.11 -31.05
N PHE A 58 -6.86 26.29 -31.00
CA PHE A 58 -5.45 26.49 -31.26
C PHE A 58 -4.78 27.02 -30.00
N TYR A 59 -3.59 26.51 -29.73
CA TYR A 59 -2.76 27.02 -28.65
C TYR A 59 -1.99 28.25 -29.12
N VAL A 60 -1.99 29.31 -28.30
CA VAL A 60 -1.20 30.51 -28.54
C VAL A 60 -0.27 30.65 -27.34
N LEU A 61 0.54 31.64 -27.33
CA LEU A 61 1.39 31.77 -26.15
C LEU A 61 0.84 32.82 -25.18
N PRO A 62 1.12 32.64 -23.90
CA PRO A 62 0.59 33.58 -22.89
C PRO A 62 1.27 34.94 -22.95
N ASN A 63 0.81 35.80 -23.86
CA ASN A 63 1.46 37.08 -24.15
C ASN A 63 0.89 38.27 -23.36
N ASP A 64 -0.20 38.09 -22.63
CA ASP A 64 -0.70 39.14 -21.74
C ASP A 64 -0.63 38.61 -20.30
N ASP A 65 -1.24 39.35 -19.37
CA ASP A 65 -1.15 38.95 -17.96
C ASP A 65 -2.18 37.87 -17.62
N THR A 66 -3.39 37.97 -18.17
CA THR A 66 -4.42 36.99 -17.85
C THR A 66 -4.06 35.62 -18.40
N LEU A 67 -3.48 35.58 -19.60
CA LEU A 67 -3.03 34.32 -20.15
C LEU A 67 -1.90 33.74 -19.31
N ARG A 68 -0.99 34.58 -18.83
CA ARG A 68 0.05 34.08 -17.94
C ARG A 68 -0.53 33.49 -16.67
N VAL A 69 -1.59 34.10 -16.14
CA VAL A 69 -2.21 33.57 -14.92
C VAL A 69 -2.94 32.26 -15.20
N GLU A 70 -3.67 32.18 -16.32
CA GLU A 70 -4.30 30.92 -16.69
C GLU A 70 -3.27 29.82 -16.86
N ALA A 71 -2.17 30.13 -17.53
CA ALA A 71 -1.09 29.17 -17.72
C ALA A 71 -0.49 28.75 -16.39
N PHE A 72 -0.31 29.69 -15.45
CA PHE A 72 0.24 29.30 -14.16
C PHE A 72 -0.72 28.38 -13.42
N GLU A 73 -1.98 28.77 -13.31
CA GLU A 73 -2.91 27.96 -12.51
C GLU A 73 -3.16 26.59 -13.13
N TYR A 74 -2.96 26.43 -14.44
CA TYR A 74 -3.10 25.10 -15.02
C TYR A 74 -1.82 24.28 -14.98
N TYR A 75 -0.67 24.91 -15.26
CA TYR A 75 0.61 24.20 -15.35
C TYR A 75 1.48 24.39 -14.12
N HIS A 76 1.15 25.31 -13.23
CA HIS A 76 2.01 25.68 -12.10
C HIS A 76 3.41 26.01 -12.60
N THR A 77 3.48 26.89 -13.60
CA THR A 77 4.74 27.29 -14.19
C THR A 77 4.74 28.79 -14.43
N THR A 78 5.93 29.38 -14.27
CA THR A 78 6.20 30.76 -14.63
C THR A 78 7.03 30.88 -15.91
N ASP A 79 7.52 29.77 -16.44
CA ASP A 79 8.38 29.76 -17.61
C ASP A 79 7.55 30.03 -18.87
N PRO A 80 7.82 31.13 -19.59
CA PRO A 80 7.02 31.41 -20.79
C PRO A 80 7.20 30.38 -21.91
N SER A 81 8.40 29.83 -22.07
CA SER A 81 8.62 28.84 -23.12
C SER A 81 7.82 27.55 -22.91
N PHE A 82 7.27 27.35 -21.71
CA PHE A 82 6.65 26.07 -21.38
C PHE A 82 5.69 25.64 -22.48
N LEU A 83 4.64 26.45 -22.69
CA LEU A 83 3.68 26.11 -23.72
C LEU A 83 4.37 25.66 -24.99
N GLY A 84 5.27 26.49 -25.53
CA GLY A 84 5.95 26.12 -26.76
C GLY A 84 6.59 24.76 -26.66
N ARG A 85 7.44 24.57 -25.65
CA ARG A 85 8.10 23.28 -25.48
C ARG A 85 7.07 22.17 -25.34
N TYR A 86 6.06 22.40 -24.50
CA TYR A 86 4.97 21.43 -24.39
C TYR A 86 4.46 21.06 -25.77
N MET A 87 4.07 22.06 -26.55
CA MET A 87 3.49 21.76 -27.86
C MET A 87 4.44 20.91 -28.68
N SER A 88 5.73 21.27 -28.69
CA SER A 88 6.68 20.50 -29.49
C SER A 88 6.60 19.03 -29.11
N ALA A 89 6.73 18.75 -27.81
CA ALA A 89 6.70 17.36 -27.37
C ALA A 89 5.43 16.69 -27.85
N LEU A 90 4.28 17.36 -27.68
CA LEU A 90 3.02 16.76 -28.05
C LEU A 90 3.04 16.30 -29.50
N ASN A 91 3.52 17.17 -30.39
CA ASN A 91 3.43 16.84 -31.80
C ASN A 91 4.07 15.49 -32.10
N HIS A 92 5.07 15.09 -31.29
CA HIS A 92 5.68 13.78 -31.43
C HIS A 92 4.96 12.74 -30.57
N THR A 93 4.70 13.05 -29.29
CA THR A 93 4.17 12.01 -28.42
C THR A 93 2.72 11.65 -28.75
N LYS A 94 2.02 12.48 -29.51
CA LYS A 94 0.70 12.09 -29.97
C LYS A 94 0.76 10.94 -30.97
N LYS A 95 1.90 10.73 -31.61
CA LYS A 95 2.08 9.64 -32.57
C LYS A 95 2.65 8.38 -31.93
N TRP A 96 3.05 8.44 -30.67
CA TRP A 96 3.50 7.25 -29.97
C TRP A 96 2.33 6.30 -29.72
N LYS A 97 2.66 5.04 -29.47
CA LYS A 97 1.68 4.03 -29.10
C LYS A 97 1.86 3.70 -27.61
N TYR A 98 0.73 3.51 -26.93
CA TYR A 98 0.70 3.35 -25.48
C TYR A 98 -0.07 2.08 -25.13
N PRO A 99 0.52 0.92 -25.41
CA PRO A 99 -0.17 -0.34 -25.12
C PRO A 99 -0.22 -0.64 -23.63
N GLN A 100 -1.20 -1.46 -23.27
CA GLN A 100 -1.25 -1.99 -21.91
C GLN A 100 -0.34 -3.21 -21.82
N VAL A 101 0.52 -3.22 -20.81
CA VAL A 101 1.40 -4.36 -20.55
C VAL A 101 1.22 -4.72 -19.09
N ASN A 102 0.87 -5.99 -18.84
CA ASN A 102 0.76 -6.48 -17.46
C ASN A 102 -0.15 -5.59 -16.63
N GLY A 103 -1.21 -5.08 -17.26
CA GLY A 103 -2.18 -4.23 -16.59
C GLY A 103 -1.78 -2.77 -16.46
N LEU A 104 -0.71 -2.34 -17.13
CA LEU A 104 -0.19 -1.00 -16.99
C LEU A 104 -0.07 -0.33 -18.34
N THR A 105 -0.08 0.98 -18.34
CA THR A 105 0.12 1.75 -19.56
C THR A 105 1.62 1.97 -19.75
N SER A 106 2.13 1.53 -20.88
CA SER A 106 3.53 1.68 -21.23
C SER A 106 3.60 2.45 -22.55
N ILE A 107 4.83 2.56 -23.08
CA ILE A 107 5.04 3.23 -24.35
C ILE A 107 5.83 2.29 -25.24
N LYS A 108 5.30 2.02 -26.44
CA LYS A 108 6.13 1.40 -27.45
C LYS A 108 7.36 2.26 -27.67
N TRP A 109 8.53 1.62 -27.76
CA TRP A 109 9.76 2.38 -27.82
C TRP A 109 9.77 3.30 -29.03
N ALA A 110 10.32 4.50 -28.83
CA ALA A 110 10.54 5.47 -29.89
C ALA A 110 11.40 6.60 -29.31
N ASP A 111 12.07 7.32 -30.21
CA ASP A 111 12.79 8.54 -29.85
C ASP A 111 13.55 8.42 -28.52
N ASN A 112 14.09 7.25 -28.23
CA ASN A 112 14.93 7.05 -27.03
C ASN A 112 14.12 7.21 -25.73
N ASN A 113 12.87 6.76 -25.72
CA ASN A 113 11.96 7.08 -24.61
C ASN A 113 11.93 6.00 -23.52
N SER A 114 12.94 5.15 -23.43
CA SER A 114 12.92 4.11 -22.39
C SER A 114 12.73 4.70 -21.01
N TYR A 115 13.39 5.82 -20.72
CA TYR A 115 13.27 6.41 -19.39
C TYR A 115 11.86 6.92 -19.13
N LEU A 116 11.17 7.41 -20.16
CA LEU A 116 9.80 7.86 -19.97
C LEU A 116 8.87 6.69 -19.69
N ALA A 117 9.03 5.58 -20.41
CA ALA A 117 8.20 4.41 -20.15
C ALA A 117 8.44 3.88 -18.74
N THR A 118 9.70 3.83 -18.30
CA THR A 118 9.99 3.37 -16.95
C THR A 118 9.36 4.30 -15.92
N ALA A 119 9.52 5.61 -16.09
CA ALA A 119 8.93 6.55 -15.15
C ALA A 119 7.42 6.44 -15.11
N LEU A 120 6.79 6.20 -16.28
CA LEU A 120 5.34 6.13 -16.33
C LEU A 120 4.82 4.90 -15.59
N LEU A 121 5.39 3.73 -15.89
CA LEU A 121 5.03 2.53 -15.16
C LEU A 121 5.25 2.71 -13.66
N THR A 122 6.39 3.31 -13.30
CA THR A 122 6.67 3.55 -11.89
C THR A 122 5.57 4.40 -11.25
N LEU A 123 5.23 5.53 -11.87
CA LEU A 123 4.18 6.39 -11.33
C LEU A 123 2.88 5.63 -11.16
N GLN A 124 2.54 4.76 -12.12
CA GLN A 124 1.31 3.99 -11.99
C GLN A 124 1.35 3.01 -10.82
N GLN A 125 2.53 2.56 -10.38
CA GLN A 125 2.59 1.63 -9.25
C GLN A 125 2.93 2.28 -7.91
N ILE A 126 2.83 3.62 -7.80
CA ILE A 126 3.10 4.32 -6.56
C ILE A 126 1.97 5.30 -6.29
N GLU A 127 1.71 5.55 -5.01
CA GLU A 127 0.62 6.42 -4.61
C GLU A 127 1.09 7.87 -4.65
N LEU A 128 0.61 8.62 -5.64
CA LEU A 128 1.08 9.97 -5.88
C LEU A 128 -0.04 10.77 -6.54
N LYS A 129 -0.34 11.94 -6.00
CA LYS A 129 -1.29 12.87 -6.58
C LYS A 129 -0.54 14.12 -7.02
N PHE A 130 -0.83 14.58 -8.24
CA PHE A 130 -0.14 15.76 -8.73
C PHE A 130 -0.84 17.03 -8.25
N ASN A 131 -0.08 18.12 -8.25
CA ASN A 131 -0.58 19.43 -7.85
C ASN A 131 -1.09 20.20 -9.08
N PRO A 132 -0.30 20.29 -10.14
CA PRO A 132 -0.72 21.07 -11.32
C PRO A 132 -1.94 20.46 -11.99
N PRO A 133 -3.04 21.20 -12.11
CA PRO A 133 -4.22 20.64 -12.78
C PRO A 133 -3.91 19.95 -14.10
N ALA A 134 -3.02 20.52 -14.92
CA ALA A 134 -2.65 19.88 -16.18
C ALA A 134 -2.15 18.47 -15.94
N LEU A 135 -1.24 18.31 -14.97
CA LEU A 135 -0.72 16.98 -14.67
C LEU A 135 -1.82 16.04 -14.20
N GLN A 136 -2.73 16.54 -13.36
CA GLN A 136 -3.82 15.70 -12.91
C GLN A 136 -4.63 15.17 -14.09
N ASP A 137 -5.08 16.07 -14.97
CA ASP A 137 -5.91 15.66 -16.11
C ASP A 137 -5.14 14.73 -17.05
N ALA A 138 -3.91 15.11 -17.39
CA ALA A 138 -3.11 14.30 -18.31
C ALA A 138 -2.82 12.92 -17.73
N TYR A 139 -2.49 12.85 -16.45
CA TYR A 139 -2.16 11.57 -15.81
C TYR A 139 -3.39 10.69 -15.72
N TYR A 140 -4.54 11.25 -15.36
CA TYR A 140 -5.80 10.51 -15.45
C TYR A 140 -5.96 9.89 -16.83
N ARG A 141 -5.84 10.72 -17.88
CA ARG A 141 -6.00 10.20 -19.23
C ARG A 141 -4.94 9.16 -19.58
N ALA A 142 -3.74 9.29 -19.00
CA ALA A 142 -2.68 8.34 -19.27
C ALA A 142 -3.01 6.97 -18.69
N ARG A 143 -3.39 6.95 -17.40
CA ARG A 143 -3.81 5.69 -16.79
C ARG A 143 -4.91 5.01 -17.59
N ALA A 144 -5.67 5.77 -18.39
CA ALA A 144 -6.69 5.22 -19.26
C ALA A 144 -6.14 4.85 -20.64
N GLY A 145 -4.81 4.84 -20.82
CA GLY A 145 -4.21 4.45 -22.08
C GLY A 145 -3.94 5.57 -23.05
N GLU A 146 -4.31 6.80 -22.72
CA GLU A 146 -4.06 7.97 -23.57
C GLU A 146 -3.04 8.85 -22.86
N ALA A 147 -1.76 8.58 -23.10
CA ALA A 147 -0.69 9.20 -22.34
C ALA A 147 0.12 10.21 -23.15
N ALA A 148 -0.41 10.67 -24.29
CA ALA A 148 0.32 11.63 -25.10
C ALA A 148 0.55 12.93 -24.35
N ASN A 149 -0.52 13.55 -23.87
CA ASN A 149 -0.38 14.82 -23.16
C ASN A 149 0.50 14.65 -21.92
N PHE A 150 0.30 13.56 -21.19
CA PHE A 150 1.08 13.37 -19.97
C PHE A 150 2.58 13.34 -20.27
N CYS A 151 2.98 12.59 -21.30
CA CYS A 151 4.40 12.50 -21.63
C CYS A 151 4.93 13.84 -22.16
N ALA A 152 4.16 14.51 -23.02
CA ALA A 152 4.60 15.82 -23.48
C ALA A 152 4.80 16.77 -22.31
N LEU A 153 3.91 16.72 -21.33
CA LEU A 153 4.09 17.56 -20.14
C LEU A 153 5.33 17.16 -19.37
N ILE A 154 5.55 15.86 -19.18
CA ILE A 154 6.73 15.41 -18.45
C ILE A 154 8.00 15.93 -19.10
N LEU A 155 8.07 15.82 -20.43
CA LEU A 155 9.16 16.48 -21.16
C LEU A 155 9.25 17.96 -20.80
N ALA A 156 8.11 18.66 -20.87
CA ALA A 156 8.11 20.10 -20.65
C ALA A 156 8.63 20.48 -19.27
N TYR A 157 8.18 19.77 -18.23
CA TYR A 157 8.63 20.06 -16.87
C TYR A 157 10.08 19.67 -16.66
N CYS A 158 10.54 18.61 -17.33
CA CYS A 158 11.91 18.13 -17.20
C CYS A 158 12.87 18.87 -18.14
N ASN A 159 12.39 19.87 -18.87
CA ASN A 159 13.19 20.59 -19.85
C ASN A 159 14.03 19.65 -20.71
N LYS A 160 13.35 18.64 -21.26
CA LYS A 160 13.96 17.72 -22.21
C LYS A 160 13.12 17.72 -23.49
N THR A 161 13.78 17.55 -24.63
CA THR A 161 13.05 17.46 -25.89
C THR A 161 13.04 16.03 -26.41
N VAL A 162 12.08 15.76 -27.29
CA VAL A 162 11.84 14.41 -27.78
C VAL A 162 13.06 13.91 -28.54
N GLY A 163 13.32 12.61 -28.43
CA GLY A 163 14.46 11.98 -29.07
C GLY A 163 15.74 12.01 -28.27
N GLU A 164 15.71 12.58 -27.07
CA GLU A 164 16.89 12.80 -26.25
C GLU A 164 16.86 11.81 -25.09
N LEU A 165 17.95 11.05 -24.93
CA LEU A 165 18.04 10.10 -23.83
C LEU A 165 17.89 10.81 -22.49
N GLY A 166 17.50 10.04 -21.47
CA GLY A 166 17.14 10.63 -20.20
C GLY A 166 17.34 9.71 -19.02
N ASP A 167 17.31 10.31 -17.84
CA ASP A 167 17.53 9.63 -16.57
C ASP A 167 16.19 9.55 -15.82
N VAL A 168 15.83 8.33 -15.39
CA VAL A 168 14.57 8.13 -14.70
C VAL A 168 14.57 8.87 -13.37
N ARG A 169 15.67 8.77 -12.62
CA ARG A 169 15.73 9.40 -11.30
C ARG A 169 15.52 10.91 -11.39
N GLU A 170 16.14 11.57 -12.37
CA GLU A 170 15.93 13.00 -12.54
C GLU A 170 14.48 13.30 -12.93
N THR A 171 13.89 12.44 -13.77
CA THR A 171 12.50 12.64 -14.17
C THR A 171 11.57 12.56 -12.97
N MET A 172 11.76 11.54 -12.13
CA MET A 172 11.00 11.42 -10.89
C MET A 172 11.25 12.60 -9.98
N SER A 173 12.48 13.13 -9.97
CA SER A 173 12.77 14.31 -9.17
C SER A 173 11.85 15.47 -9.56
N TYR A 174 11.90 15.84 -10.84
CA TYR A 174 11.03 16.92 -11.31
C TYR A 174 9.56 16.62 -11.05
N LEU A 175 9.13 15.39 -11.33
CA LEU A 175 7.72 15.06 -11.14
C LEU A 175 7.30 15.21 -9.68
N PHE A 176 8.04 14.59 -8.76
CA PHE A 176 7.77 14.72 -7.34
C PHE A 176 7.70 16.19 -6.91
N GLN A 177 8.53 17.04 -7.52
CA GLN A 177 8.47 18.46 -7.17
C GLN A 177 7.09 19.05 -7.47
N HIS A 178 6.38 18.53 -8.48
CA HIS A 178 5.02 18.97 -8.77
C HIS A 178 3.96 18.02 -8.21
N ALA A 179 4.32 17.20 -7.23
CA ALA A 179 3.40 16.27 -6.59
C ALA A 179 3.14 16.68 -5.15
N ASN A 180 2.03 16.18 -4.61
CA ASN A 180 1.64 16.50 -3.23
C ASN A 180 2.36 15.55 -2.29
N LEU A 181 3.45 16.03 -1.69
CA LEU A 181 4.24 15.26 -0.73
C LEU A 181 4.13 15.84 0.68
N ASP A 182 3.04 16.56 0.98
CA ASP A 182 2.91 17.21 2.28
C ASP A 182 2.89 16.20 3.42
N SER A 183 2.32 15.03 3.17
CA SER A 183 2.24 13.96 4.17
C SER A 183 3.54 13.17 4.29
N CYS A 184 4.62 13.68 3.72
CA CYS A 184 5.90 13.00 3.73
C CYS A 184 6.90 13.74 4.61
N LYS A 185 7.76 12.95 5.25
CA LYS A 185 8.77 13.46 6.16
C LYS A 185 9.81 12.36 6.35
N ARG A 186 11.08 12.73 6.36
CA ARG A 186 12.15 11.77 6.60
C ARG A 186 13.07 12.30 7.68
N VAL A 187 13.67 11.40 8.46
CA VAL A 187 14.55 11.78 9.55
C VAL A 187 15.73 10.82 9.57
N LEU A 188 16.94 11.37 9.51
CA LEU A 188 18.19 10.60 9.47
C LEU A 188 19.14 11.08 10.55
N ASN A 189 20.19 10.29 10.77
CA ASN A 189 21.21 10.61 11.77
C ASN A 189 22.58 10.18 11.26
N VAL A 190 23.61 10.84 11.78
CA VAL A 190 25.00 10.59 11.38
C VAL A 190 25.79 10.17 12.61
N VAL A 191 26.47 9.03 12.52
CA VAL A 191 27.20 8.47 13.64
C VAL A 191 28.68 8.33 13.32
N THR A 194 30.64 10.86 12.95
CA THR A 194 30.92 12.14 13.58
C THR A 194 30.35 12.18 14.99
N CYS A 195 31.15 12.66 15.93
CA CYS A 195 30.74 12.69 17.32
C CYS A 195 29.43 13.47 17.49
N GLY A 196 28.63 13.04 18.45
CA GLY A 196 27.43 13.75 18.82
C GLY A 196 26.22 13.49 17.94
N GLN A 197 25.03 13.64 18.50
CA GLN A 197 23.81 13.41 17.74
C GLN A 197 23.64 14.47 16.67
N GLN A 198 23.30 14.04 15.45
CA GLN A 198 23.14 14.94 14.30
C GLN A 198 21.92 14.51 13.49
N GLN A 199 20.73 14.75 14.04
CA GLN A 199 19.51 14.38 13.36
C GLN A 199 19.08 15.45 12.37
N THR A 200 18.59 15.00 11.21
CA THR A 200 18.10 15.87 10.16
C THR A 200 16.69 15.44 9.78
N THR A 201 15.82 16.43 9.61
CA THR A 201 14.50 16.21 9.05
C THR A 201 14.47 16.76 7.64
N LEU A 202 14.03 15.93 6.70
CA LEU A 202 14.00 16.23 5.28
C LEU A 202 12.57 16.23 4.80
N LYS A 203 12.27 17.17 3.92
CA LYS A 203 10.92 17.39 3.42
C LYS A 203 10.97 17.56 1.91
N GLY A 204 9.79 17.64 1.31
CA GLY A 204 9.77 17.76 -0.13
C GLY A 204 10.40 16.55 -0.78
N VAL A 205 11.01 16.78 -1.94
CA VAL A 205 11.54 15.67 -2.73
C VAL A 205 12.41 14.75 -1.87
N GLU A 206 13.38 15.33 -1.16
CA GLU A 206 14.34 14.54 -0.39
C GLU A 206 13.73 13.70 0.72
N ALA A 207 12.42 13.82 0.98
CA ALA A 207 11.77 12.92 1.94
C ALA A 207 11.50 11.54 1.34
N VAL A 208 11.48 11.40 0.02
CA VAL A 208 11.16 10.13 -0.63
C VAL A 208 12.26 9.64 -1.56
N MET A 209 13.33 10.43 -1.77
CA MET A 209 14.38 10.05 -2.71
C MET A 209 15.72 9.91 -1.99
N TYR A 210 16.52 8.93 -2.41
CA TYR A 210 17.86 8.79 -1.88
C TYR A 210 18.80 8.25 -2.95
N MET A 211 20.04 8.73 -2.91
CA MET A 211 21.08 8.35 -3.87
C MET A 211 22.28 7.79 -3.13
N GLY A 212 22.71 6.58 -3.49
CA GLY A 212 23.89 5.98 -2.89
C GLY A 212 23.72 4.55 -2.39
N THR A 213 22.55 3.96 -2.67
CA THR A 213 22.26 2.56 -2.36
C THR A 213 20.88 2.17 -2.86
N LEU A 214 20.75 0.96 -3.38
CA LEU A 214 19.44 0.48 -3.80
C LEU A 214 18.65 -0.15 -2.66
N SER A 215 19.29 -0.43 -1.52
CA SER A 215 18.70 -1.23 -0.45
C SER A 215 18.09 -0.31 0.61
N TYR A 216 16.76 -0.30 0.69
CA TYR A 216 16.08 0.40 1.78
C TYR A 216 16.56 -0.10 3.13
N GLU A 217 16.67 -1.41 3.29
CA GLU A 217 17.10 -1.95 4.58
C GLU A 217 18.54 -1.53 4.90
N GLN A 218 19.40 -1.41 3.90
CA GLN A 218 20.74 -0.86 4.14
C GLN A 218 20.65 0.58 4.62
N PHE A 219 19.80 1.39 3.97
CA PHE A 219 19.57 2.75 4.44
C PHE A 219 19.14 2.76 5.91
N LYS A 220 18.37 1.76 6.33
CA LYS A 220 17.99 1.68 7.74
C LYS A 220 19.16 1.25 8.62
N LYS A 221 20.06 0.40 8.09
CA LYS A 221 21.24 -0.03 8.83
C LYS A 221 22.34 1.01 8.84
N GLY A 222 22.40 1.85 7.81
CA GLY A 222 23.42 2.88 7.72
C GLY A 222 24.38 2.71 6.57
N VAL A 223 24.73 3.82 5.92
CA VAL A 223 25.72 3.84 4.84
C VAL A 223 26.83 4.82 5.24
N GLN A 224 27.94 4.77 4.50
CA GLN A 224 29.05 5.68 4.76
C GLN A 224 29.39 6.52 3.53
N ALA A 233 32.24 7.78 8.93
CA ALA A 233 30.92 8.25 9.38
C ALA A 233 29.81 7.43 8.74
N THR A 234 28.76 7.20 9.50
CA THR A 234 27.62 6.41 9.05
C THR A 234 26.34 7.18 9.27
N LYS A 235 25.44 7.10 8.29
CA LYS A 235 24.16 7.79 8.30
C LYS A 235 23.05 6.74 8.17
N TYR A 236 22.07 6.79 9.07
CA TYR A 236 21.02 5.77 9.10
C TYR A 236 19.65 6.44 9.24
N LEU A 237 18.64 5.80 8.64
CA LEU A 237 17.29 6.31 8.67
C LEU A 237 16.69 6.14 10.06
N VAL A 238 16.30 7.27 10.67
CA VAL A 238 15.65 7.24 11.98
C VAL A 238 14.14 7.12 11.85
N GLN A 239 13.56 7.78 10.85
CA GLN A 239 12.11 7.83 10.77
C GLN A 239 11.70 8.11 9.33
N GLN A 240 10.57 7.53 8.93
CA GLN A 240 10.06 7.71 7.58
C GLN A 240 8.53 7.74 7.62
N GLU A 241 7.95 8.77 7.02
CA GLU A 241 6.51 8.88 6.83
C GLU A 241 6.26 9.26 5.38
N SER A 242 5.91 8.27 4.57
CA SER A 242 5.57 8.49 3.16
C SER A 242 4.87 7.26 2.65
N PRO A 243 4.19 7.36 1.50
CA PRO A 243 3.48 6.18 0.95
C PRO A 243 4.37 5.28 0.09
N PHE A 244 5.50 5.82 -0.36
CA PHE A 244 6.52 5.05 -1.05
C PHE A 244 7.88 5.63 -0.69
N VAL A 245 8.93 4.99 -1.20
CA VAL A 245 10.27 5.57 -1.21
C VAL A 245 10.99 5.08 -2.47
N MET A 246 11.97 5.88 -2.89
CA MET A 246 12.79 5.60 -4.05
C MET A 246 14.24 5.55 -3.61
N MET A 247 14.89 4.42 -3.81
CA MET A 247 16.30 4.21 -3.50
C MET A 247 17.06 4.13 -4.81
N SER A 248 17.92 5.09 -5.06
CA SER A 248 18.69 5.12 -6.29
C SER A 248 20.17 4.99 -5.97
N ALA A 249 20.91 4.44 -6.93
CA ALA A 249 22.37 4.36 -6.87
C ALA A 249 22.89 4.18 -8.28
N PRO A 250 24.16 4.50 -8.51
CA PRO A 250 24.74 4.28 -9.84
C PRO A 250 24.56 2.84 -10.27
N PRO A 251 24.36 2.61 -11.57
CA PRO A 251 23.95 1.27 -12.02
C PRO A 251 24.93 0.20 -11.54
N ALA A 252 24.36 -0.90 -11.03
CA ALA A 252 25.23 -1.97 -10.56
C ALA A 252 24.47 -3.29 -10.53
N GLN A 253 25.22 -4.38 -10.60
CA GLN A 253 24.63 -5.70 -10.52
C GLN A 253 23.94 -5.89 -9.17
N TYR A 254 22.69 -6.34 -9.22
CA TYR A 254 21.81 -6.35 -8.06
C TYR A 254 20.75 -7.43 -8.27
N GLU A 255 20.41 -8.13 -7.17
CA GLU A 255 19.40 -9.18 -7.19
C GLU A 255 18.09 -8.66 -6.64
N LEU A 256 17.01 -8.84 -7.41
CA LEU A 256 15.67 -8.38 -7.03
C LEU A 256 14.80 -9.60 -6.76
N LYS A 257 14.40 -9.76 -5.51
CA LYS A 257 13.63 -10.93 -5.08
C LYS A 257 12.15 -10.59 -5.01
N HIS A 258 11.32 -11.42 -5.65
CA HIS A 258 9.88 -11.24 -5.60
C HIS A 258 9.42 -10.94 -4.18
N GLY A 259 8.58 -9.90 -4.05
CA GLY A 259 8.01 -9.51 -2.77
C GLY A 259 8.88 -8.63 -1.90
N THR A 260 10.14 -8.43 -2.25
CA THR A 260 11.03 -7.58 -1.46
C THR A 260 11.00 -6.12 -1.91
N PHE A 261 10.41 -5.83 -3.06
CA PHE A 261 10.36 -4.47 -3.60
C PHE A 261 9.03 -4.28 -4.32
N THR A 262 8.83 -3.07 -4.82
CA THR A 262 7.67 -2.70 -5.62
C THR A 262 7.98 -2.66 -7.11
N CYS A 263 9.02 -1.91 -7.49
CA CYS A 263 9.50 -1.90 -8.86
C CYS A 263 10.92 -1.33 -8.87
N ALA A 264 11.53 -1.36 -10.04
CA ALA A 264 12.92 -0.96 -10.17
C ALA A 264 13.19 -0.56 -11.61
N SER A 265 14.16 0.34 -11.76
CA SER A 265 14.74 0.71 -13.05
C SER A 265 16.06 -0.03 -13.25
N GLU A 266 16.17 -0.73 -14.39
CA GLU A 266 17.40 -1.32 -14.85
C GLU A 266 17.98 -0.46 -15.95
N TYR A 267 19.28 -0.18 -15.86
CA TYR A 267 19.98 0.59 -16.88
C TYR A 267 21.15 -0.23 -17.41
N THR A 268 21.20 -0.41 -18.73
CA THR A 268 22.28 -1.12 -19.40
C THR A 268 23.01 -0.16 -20.32
N GLY A 269 24.32 0.00 -20.10
CA GLY A 269 25.18 0.79 -20.95
C GLY A 269 26.13 1.65 -20.14
N ASN A 270 26.61 2.71 -20.78
CA ASN A 270 27.49 3.69 -20.17
C ASN A 270 26.73 4.98 -19.91
N TYR A 271 27.41 5.96 -19.31
CA TYR A 271 26.74 7.19 -18.91
C TYR A 271 26.09 7.90 -20.08
N GLN A 272 26.62 7.71 -21.29
CA GLN A 272 26.12 8.45 -22.46
C GLN A 272 25.00 7.69 -23.17
N CYS A 273 25.29 6.50 -23.68
CA CYS A 273 24.33 5.71 -24.45
C CYS A 273 23.89 4.53 -23.59
N GLY A 274 22.58 4.40 -23.39
CA GLY A 274 22.08 3.32 -22.55
C GLY A 274 20.63 3.01 -22.85
N HIS A 275 20.10 2.04 -22.09
CA HIS A 275 18.73 1.60 -22.26
C HIS A 275 18.14 1.25 -20.90
N TYR A 276 16.88 1.66 -20.69
CA TYR A 276 16.15 1.40 -19.46
C TYR A 276 15.13 0.29 -19.65
N LYS A 277 15.02 -0.59 -18.66
CA LYS A 277 13.94 -1.57 -18.56
C LYS A 277 13.32 -1.48 -17.18
N HIS A 278 12.11 -2.01 -17.04
CA HIS A 278 11.33 -1.84 -15.82
C HIS A 278 11.04 -3.21 -15.20
N ILE A 279 11.33 -3.35 -13.91
CA ILE A 279 11.11 -4.61 -13.20
C ILE A 279 10.02 -4.38 -12.17
N THR A 280 8.93 -5.17 -12.25
CA THR A 280 7.84 -5.07 -11.29
C THR A 280 7.65 -6.42 -10.60
N SER A 281 7.17 -6.35 -9.36
CA SER A 281 6.98 -7.53 -8.51
C SER A 281 5.48 -7.79 -8.35
N LYS A 282 4.91 -8.54 -9.28
CA LYS A 282 3.52 -8.96 -9.21
C LYS A 282 3.41 -10.31 -8.51
N GLU A 283 2.92 -11.34 -9.20
CA GLU A 283 3.00 -12.68 -8.65
C GLU A 283 4.42 -13.24 -8.82
N THR A 284 4.92 -13.22 -10.04
CA THR A 284 6.33 -13.46 -10.31
C THR A 284 6.96 -12.14 -10.74
N LEU A 285 8.25 -12.19 -11.08
CA LEU A 285 8.94 -10.99 -11.54
C LEU A 285 8.60 -10.74 -13.00
N TYR A 286 8.12 -9.53 -13.30
CA TYR A 286 7.85 -9.12 -14.67
C TYR A 286 8.84 -8.06 -15.12
N CYS A 287 9.22 -8.11 -16.39
CA CYS A 287 10.14 -7.16 -17.00
C CYS A 287 9.44 -6.57 -18.22
N ILE A 288 9.16 -5.26 -18.14
CA ILE A 288 8.52 -4.51 -19.21
C ILE A 288 9.58 -3.65 -19.86
N ASP A 289 9.69 -3.73 -21.18
CA ASP A 289 10.59 -2.92 -22.00
C ASP A 289 9.74 -2.33 -23.12
N GLY A 290 9.09 -1.20 -22.83
CA GLY A 290 8.19 -0.61 -23.80
C GLY A 290 7.03 -1.54 -24.06
N ALA A 291 6.87 -1.95 -25.32
CA ALA A 291 5.83 -2.92 -25.65
C ALA A 291 6.18 -4.34 -25.24
N LEU A 292 7.47 -4.66 -25.09
CA LEU A 292 7.89 -6.02 -24.79
C LEU A 292 7.66 -6.37 -23.32
N LEU A 293 7.35 -7.63 -23.08
CA LEU A 293 7.17 -8.16 -21.73
C LEU A 293 7.78 -9.55 -21.63
N THR A 294 8.51 -9.80 -20.55
CA THR A 294 8.95 -11.15 -20.21
C THR A 294 8.74 -11.38 -18.72
N LYS A 295 8.68 -12.65 -18.35
CA LYS A 295 8.52 -13.01 -16.95
C LYS A 295 9.67 -13.91 -16.51
N SER A 296 9.89 -13.96 -15.19
CA SER A 296 10.82 -14.91 -14.64
C SER A 296 10.58 -15.03 -13.14
N SER A 297 11.14 -16.09 -12.57
CA SER A 297 11.03 -16.31 -11.13
C SER A 297 11.99 -15.41 -10.35
N GLU A 298 13.22 -15.27 -10.83
CA GLU A 298 14.22 -14.45 -10.17
C GLU A 298 14.81 -13.46 -11.19
N TYR A 299 15.57 -12.49 -10.67
CA TYR A 299 16.22 -11.50 -11.51
C TYR A 299 17.47 -10.99 -10.80
N LYS A 300 18.56 -10.90 -11.58
CA LYS A 300 19.74 -10.15 -11.21
C LYS A 300 20.23 -9.40 -12.44
N GLY A 301 20.58 -8.14 -12.25
CA GLY A 301 20.98 -7.29 -13.35
C GLY A 301 21.45 -5.92 -12.90
N PRO A 302 21.82 -5.04 -13.83
CA PRO A 302 22.23 -3.68 -13.44
C PRO A 302 21.04 -2.81 -13.08
N ILE A 303 20.83 -2.62 -11.79
CA ILE A 303 19.75 -1.79 -11.29
C ILE A 303 20.32 -0.43 -10.88
N THR A 304 19.45 0.58 -10.88
CA THR A 304 19.81 1.92 -10.44
C THR A 304 18.73 2.62 -9.63
N ASP A 305 17.45 2.29 -9.80
CA ASP A 305 16.37 2.75 -8.95
C ASP A 305 15.53 1.56 -8.51
N VAL A 306 15.22 1.50 -7.22
CA VAL A 306 14.30 0.52 -6.66
C VAL A 306 13.29 1.26 -5.80
N PHE A 307 12.00 0.99 -6.03
CA PHE A 307 10.94 1.61 -5.28
C PHE A 307 10.37 0.63 -4.26
N TYR A 308 9.95 1.17 -3.11
CA TYR A 308 9.38 0.36 -2.05
C TYR A 308 8.14 1.05 -1.49
N LYS A 309 7.25 0.26 -0.91
CA LYS A 309 6.06 0.76 -0.25
C LYS A 309 6.33 0.87 1.25
N GLU A 310 6.27 2.10 1.76
CA GLU A 310 6.25 2.35 3.19
C GLU A 310 5.00 3.15 3.53
N ASN A 311 4.50 2.92 4.74
CA ASN A 311 3.59 3.87 5.36
C ASN A 311 4.31 4.71 6.42
N SER A 312 4.96 4.06 7.38
CA SER A 312 5.71 4.74 8.42
C SER A 312 6.78 3.80 8.97
N TYR A 313 7.91 4.39 9.38
CA TYR A 313 9.05 3.65 9.92
C TYR A 313 9.68 4.42 11.07
N THR A 314 10.23 3.68 12.03
CA THR A 314 10.87 4.27 13.21
C THR A 314 12.00 3.36 13.68
N THR A 315 13.21 3.88 13.75
CA THR A 315 14.39 3.09 14.13
C THR A 315 14.47 2.84 15.63
N GLU B 4 -9.03 34.40 30.45
CA GLU B 4 -7.77 34.42 31.17
C GLU B 4 -6.89 33.21 30.87
N VAL B 5 -7.49 32.15 30.34
CA VAL B 5 -6.78 30.93 29.97
C VAL B 5 -6.89 30.73 28.47
N ARG B 6 -5.80 30.28 27.87
CA ARG B 6 -5.78 29.93 26.46
C ARG B 6 -6.19 28.47 26.28
N THR B 7 -7.06 28.22 25.30
CA THR B 7 -7.59 26.88 25.11
C THR B 7 -7.79 26.59 23.64
N ILE B 8 -7.96 25.31 23.35
CA ILE B 8 -8.45 24.86 22.04
C ILE B 8 -9.56 23.84 22.29
N LYS B 9 -10.22 23.45 21.20
CA LYS B 9 -11.27 22.44 21.26
C LYS B 9 -10.79 21.19 20.55
N VAL B 10 -10.86 20.05 21.25
CA VAL B 10 -10.55 18.76 20.66
C VAL B 10 -11.72 17.82 20.93
N PHE B 11 -11.60 16.61 20.39
CA PHE B 11 -12.54 15.53 20.63
C PHE B 11 -11.83 14.41 21.36
N THR B 12 -12.52 13.82 22.33
CA THR B 12 -12.02 12.65 23.02
C THR B 12 -13.00 11.49 22.82
N THR B 13 -12.46 10.28 22.79
CA THR B 13 -13.30 9.11 22.54
C THR B 13 -12.65 7.87 23.15
N VAL B 14 -13.44 6.81 23.22
CA VAL B 14 -12.94 5.49 23.58
C VAL B 14 -13.18 4.45 22.50
N ASP B 15 -14.06 4.74 21.53
CA ASP B 15 -14.36 3.83 20.43
C ASP B 15 -14.12 4.45 19.07
N ASN B 16 -13.79 5.73 19.00
CA ASN B 16 -13.68 6.44 17.75
C ASN B 16 -15.01 6.50 17.00
N ILE B 17 -16.13 6.27 17.70
CA ILE B 17 -17.47 6.35 17.13
C ILE B 17 -18.13 7.58 17.74
N ASN B 18 -18.20 7.61 19.08
CA ASN B 18 -18.78 8.74 19.80
C ASN B 18 -17.68 9.70 20.20
N LEU B 19 -17.65 10.87 19.55
CA LEU B 19 -16.68 11.90 19.85
C LEU B 19 -17.26 12.90 20.86
N HIS B 20 -16.45 13.32 21.82
CA HIS B 20 -16.87 14.17 22.92
C HIS B 20 -16.07 15.46 22.89
N THR B 21 -16.75 16.59 22.73
CA THR B 21 -16.06 17.86 22.64
C THR B 21 -15.47 18.26 23.98
N GLN B 22 -14.20 18.65 23.97
CA GLN B 22 -13.47 19.03 25.17
C GLN B 22 -12.76 20.35 24.91
N VAL B 23 -12.96 21.30 25.80
CA VAL B 23 -12.21 22.55 25.80
C VAL B 23 -10.98 22.32 26.68
N VAL B 24 -9.81 22.33 26.08
CA VAL B 24 -8.58 21.93 26.76
C VAL B 24 -7.68 23.15 26.95
N ASP B 25 -7.08 23.22 28.13
CA ASP B 25 -6.19 24.31 28.54
C ASP B 25 -4.80 24.09 27.97
N MET B 26 -4.25 25.11 27.34
CA MET B 26 -2.95 24.96 26.71
C MET B 26 -1.79 24.99 27.69
N SER B 27 -2.02 25.39 28.95
CA SER B 27 -0.97 25.42 29.95
C SER B 27 -0.66 24.05 30.55
N MET B 28 -1.62 23.12 30.53
CA MET B 28 -1.48 21.82 31.14
C MET B 28 -1.32 20.75 30.05
N THR B 29 -0.73 19.61 30.42
CA THR B 29 -0.58 18.54 29.46
C THR B 29 -1.91 17.83 29.24
N TYR B 30 -1.93 16.93 28.26
CA TYR B 30 -3.13 16.13 28.04
C TYR B 30 -3.36 15.18 29.20
N GLY B 31 -2.29 14.61 29.76
CA GLY B 31 -2.45 13.71 30.89
C GLY B 31 -3.14 14.37 32.06
N GLN B 32 -2.71 15.60 32.39
CA GLN B 32 -3.27 16.28 33.56
C GLN B 32 -4.79 16.44 33.44
N GLN B 33 -5.28 16.67 32.23
CA GLN B 33 -6.68 16.98 32.02
C GLN B 33 -7.53 15.74 31.70
N PHE B 34 -6.95 14.73 31.05
CA PHE B 34 -7.69 13.59 30.54
C PHE B 34 -7.23 12.24 31.10
N GLY B 35 -6.06 12.18 31.73
CA GLY B 35 -5.42 10.91 31.99
C GLY B 35 -4.59 10.49 30.80
N PRO B 36 -4.21 9.21 30.73
CA PRO B 36 -3.55 8.72 29.52
C PRO B 36 -4.33 9.10 28.27
N THR B 37 -3.64 9.76 27.34
CA THR B 37 -4.23 10.27 26.10
C THR B 37 -3.38 9.83 24.92
N TYR B 38 -4.04 9.43 23.83
CA TYR B 38 -3.36 8.90 22.65
C TYR B 38 -3.88 9.57 21.39
N LEU B 39 -2.97 9.82 20.45
CA LEU B 39 -3.29 10.34 19.13
C LEU B 39 -2.95 9.27 18.11
N ASP B 40 -3.95 8.80 17.38
CA ASP B 40 -3.81 7.74 16.38
C ASP B 40 -2.81 6.66 16.82
N GLY B 41 -2.80 6.32 18.11
CA GLY B 41 -1.95 5.30 18.66
C GLY B 41 -0.78 5.83 19.46
N ALA B 42 -0.33 7.04 19.17
CA ALA B 42 0.83 7.59 19.84
C ALA B 42 0.47 8.15 21.22
N ASP B 43 1.26 7.79 22.23
CA ASP B 43 1.08 8.35 23.57
C ASP B 43 1.47 9.82 23.55
N VAL B 44 0.50 10.68 23.88
CA VAL B 44 0.70 12.11 23.98
C VAL B 44 0.41 12.65 25.37
N THR B 45 0.28 11.76 26.37
CA THR B 45 -0.02 12.16 27.73
C THR B 45 0.85 13.32 28.19
N LYS B 46 2.15 13.27 27.91
CA LYS B 46 3.10 14.25 28.39
C LYS B 46 3.21 15.47 27.48
N ILE B 47 2.31 15.63 26.53
CA ILE B 47 2.34 16.72 25.57
C ILE B 47 1.24 17.72 25.92
N LYS B 48 1.59 19.02 25.86
CA LYS B 48 0.61 20.09 26.02
C LYS B 48 -0.05 20.38 24.68
N PRO B 49 -1.28 20.90 24.70
CA PRO B 49 -2.02 21.09 23.44
C PRO B 49 -1.42 22.18 22.57
N HIS B 50 -1.40 21.94 21.27
CA HIS B 50 -0.98 22.92 20.28
C HIS B 50 -2.20 23.42 19.51
N ASN B 51 -2.11 24.65 19.02
CA ASN B 51 -3.14 25.18 18.13
C ASN B 51 -3.40 24.22 16.96
N SER B 52 -2.37 23.51 16.50
CA SER B 52 -2.53 22.63 15.36
C SER B 52 -3.34 21.37 15.71
N HIS B 53 -3.48 21.07 17.00
CA HIS B 53 -4.29 19.93 17.45
C HIS B 53 -5.79 20.21 17.40
N GLU B 54 -6.20 21.45 17.08
CA GLU B 54 -7.60 21.83 17.13
C GLU B 54 -8.44 20.98 16.18
N GLY B 55 -9.51 20.40 16.71
CA GLY B 55 -10.42 19.59 15.93
C GLY B 55 -10.05 18.12 15.82
N LYS B 56 -8.88 17.72 16.32
CA LYS B 56 -8.42 16.34 16.19
C LYS B 56 -9.07 15.44 17.25
N THR B 57 -9.02 14.14 16.99
CA THR B 57 -9.59 13.12 17.87
C THR B 57 -8.50 12.43 18.67
N PHE B 58 -8.71 12.35 19.98
CA PHE B 58 -7.80 11.66 20.89
C PHE B 58 -8.54 10.55 21.61
N TYR B 59 -7.83 9.45 21.87
CA TYR B 59 -8.38 8.34 22.65
C TYR B 59 -8.07 8.58 24.12
N VAL B 60 -9.00 8.18 24.99
CA VAL B 60 -8.80 8.26 26.43
C VAL B 60 -9.25 6.94 27.06
N LEU B 61 -8.84 6.72 28.29
CA LEU B 61 -9.32 5.52 28.96
C LEU B 61 -10.74 5.72 29.47
N PRO B 62 -11.51 4.64 29.61
CA PRO B 62 -12.85 4.77 30.21
C PRO B 62 -12.79 5.00 31.72
N ASN B 63 -13.02 6.24 32.15
CA ASN B 63 -12.88 6.61 33.56
C ASN B 63 -14.21 6.87 34.26
N ASP B 64 -15.34 6.70 33.60
CA ASP B 64 -16.65 6.82 34.22
C ASP B 64 -17.54 5.69 33.73
N ASP B 65 -18.80 5.66 34.20
CA ASP B 65 -19.69 4.55 33.86
C ASP B 65 -20.06 4.56 32.38
N THR B 66 -20.29 5.74 31.82
CA THR B 66 -20.79 5.82 30.45
C THR B 66 -19.72 5.40 29.45
N LEU B 67 -18.50 5.92 29.60
CA LEU B 67 -17.43 5.48 28.72
C LEU B 67 -17.14 4.00 28.87
N ARG B 68 -17.27 3.45 30.08
CA ARG B 68 -17.10 2.00 30.23
C ARG B 68 -18.16 1.25 29.44
N VAL B 69 -19.40 1.73 29.47
CA VAL B 69 -20.45 1.13 28.65
C VAL B 69 -20.10 1.23 27.16
N GLU B 70 -19.65 2.41 26.73
CA GLU B 70 -19.31 2.60 25.32
C GLU B 70 -18.22 1.64 24.87
N ALA B 71 -17.15 1.56 25.67
CA ALA B 71 -16.06 0.63 25.41
C ALA B 71 -16.56 -0.80 25.33
N PHE B 72 -17.41 -1.20 26.28
CA PHE B 72 -17.88 -2.59 26.25
C PHE B 72 -18.72 -2.85 25.01
N GLU B 73 -19.52 -1.89 24.60
CA GLU B 73 -20.41 -2.13 23.47
C GLU B 73 -19.63 -2.21 22.17
N TYR B 74 -18.53 -1.46 22.06
CA TYR B 74 -17.75 -1.55 20.83
C TYR B 74 -16.81 -2.76 20.83
N TYR B 75 -16.14 -3.01 21.96
CA TYR B 75 -15.11 -4.04 22.01
C TYR B 75 -15.56 -5.35 22.66
N HIS B 76 -16.67 -5.35 23.38
CA HIS B 76 -17.09 -6.50 24.18
C HIS B 76 -15.97 -6.92 25.15
N THR B 77 -15.35 -5.93 25.78
CA THR B 77 -14.38 -6.15 26.84
C THR B 77 -14.76 -5.33 28.06
N THR B 78 -14.50 -5.89 29.23
CA THR B 78 -14.65 -5.18 30.50
C THR B 78 -13.30 -4.96 31.18
N ASP B 79 -12.21 -5.29 30.51
CA ASP B 79 -10.84 -5.15 30.99
C ASP B 79 -10.39 -3.70 30.90
N PRO B 80 -10.26 -3.00 32.03
CA PRO B 80 -9.82 -1.60 31.97
C PRO B 80 -8.47 -1.39 31.30
N SER B 81 -7.64 -2.44 31.20
CA SER B 81 -6.36 -2.29 30.51
C SER B 81 -6.49 -2.42 29.01
N PHE B 82 -7.68 -2.76 28.49
CA PHE B 82 -7.79 -3.09 27.07
C PHE B 82 -7.33 -1.93 26.20
N LEU B 83 -7.92 -0.75 26.41
CA LEU B 83 -7.63 0.38 25.52
C LEU B 83 -6.14 0.71 25.49
N GLY B 84 -5.49 0.70 26.66
CA GLY B 84 -4.07 0.98 26.69
C GLY B 84 -3.26 0.00 25.86
N ARG B 85 -3.52 -1.29 26.03
CA ARG B 85 -2.80 -2.30 25.27
C ARG B 85 -3.10 -2.20 23.78
N TYR B 86 -4.35 -1.89 23.44
CA TYR B 86 -4.75 -1.72 22.04
C TYR B 86 -3.97 -0.58 21.39
N MET B 87 -3.82 0.55 22.10
CA MET B 87 -3.05 1.66 21.53
C MET B 87 -1.56 1.35 21.45
N SER B 88 -1.01 0.71 22.50
CA SER B 88 0.39 0.33 22.42
C SER B 88 0.65 -0.55 21.21
N ALA B 89 -0.26 -1.51 20.94
CA ALA B 89 -0.07 -2.36 19.77
C ALA B 89 -0.29 -1.57 18.48
N LEU B 90 -1.28 -0.68 18.47
CA LEU B 90 -1.59 0.07 17.25
C LEU B 90 -0.42 0.92 16.81
N ASN B 91 0.30 1.50 17.78
CA ASN B 91 1.43 2.34 17.42
C ASN B 91 2.52 1.55 16.69
N HIS B 92 2.59 0.24 16.89
CA HIS B 92 3.51 -0.58 16.13
C HIS B 92 2.89 -1.11 14.83
N THR B 93 1.63 -1.57 14.88
CA THR B 93 1.02 -2.20 13.71
C THR B 93 0.62 -1.21 12.62
N LYS B 94 0.38 0.06 12.95
CA LYS B 94 0.17 1.03 11.88
C LYS B 94 1.44 1.25 11.06
N LYS B 95 2.57 0.68 11.50
CA LYS B 95 3.81 0.71 10.73
C LYS B 95 4.09 -0.59 9.99
N TRP B 96 3.43 -1.68 10.37
CA TRP B 96 3.48 -2.90 9.58
C TRP B 96 2.92 -2.67 8.18
N LYS B 97 3.34 -3.53 7.26
CA LYS B 97 2.90 -3.47 5.87
C LYS B 97 2.04 -4.69 5.56
N TYR B 98 0.90 -4.45 4.94
CA TYR B 98 -0.11 -5.49 4.69
C TYR B 98 -0.26 -5.68 3.19
N PRO B 99 0.67 -6.37 2.55
CA PRO B 99 0.58 -6.60 1.11
C PRO B 99 -0.49 -7.63 0.77
N GLN B 100 -0.86 -7.66 -0.51
CA GLN B 100 -1.68 -8.73 -1.05
C GLN B 100 -0.78 -9.81 -1.62
N VAL B 101 -1.00 -11.05 -1.18
CA VAL B 101 -0.22 -12.19 -1.64
C VAL B 101 -1.19 -13.31 -1.96
N ASN B 102 -1.27 -13.69 -3.22
CA ASN B 102 -2.15 -14.78 -3.63
C ASN B 102 -3.62 -14.43 -3.43
N GLY B 103 -3.97 -13.15 -3.61
CA GLY B 103 -5.33 -12.69 -3.51
C GLY B 103 -5.84 -12.45 -2.11
N LEU B 104 -4.99 -12.56 -1.09
CA LEU B 104 -5.36 -12.33 0.29
C LEU B 104 -4.54 -11.19 0.85
N THR B 105 -4.99 -10.65 1.98
CA THR B 105 -4.18 -9.69 2.71
C THR B 105 -3.25 -10.43 3.65
N SER B 106 -2.00 -9.99 3.69
CA SER B 106 -0.98 -10.65 4.48
C SER B 106 -0.27 -9.62 5.34
N ILE B 107 0.85 -9.99 5.94
CA ILE B 107 1.62 -9.06 6.75
C ILE B 107 3.10 -9.35 6.50
N LYS B 108 3.79 -8.38 5.89
CA LYS B 108 5.23 -8.48 5.78
C LYS B 108 5.86 -8.67 7.16
N TRP B 109 6.80 -9.62 7.25
CA TRP B 109 7.27 -10.05 8.55
C TRP B 109 7.90 -8.91 9.32
N ALA B 110 7.63 -8.89 10.63
CA ALA B 110 8.19 -7.92 11.55
C ALA B 110 7.78 -8.31 12.96
N ASP B 111 8.61 -7.95 13.93
CA ASP B 111 8.30 -8.14 15.35
C ASP B 111 7.75 -9.54 15.64
N ASN B 112 8.24 -10.54 14.89
CA ASN B 112 7.87 -11.94 15.10
C ASN B 112 6.39 -12.21 14.82
N ASN B 113 5.81 -11.54 13.82
CA ASN B 113 4.37 -11.60 13.60
C ASN B 113 3.94 -12.75 12.69
N SER B 114 4.80 -13.76 12.49
CA SER B 114 4.44 -14.85 11.58
C SER B 114 3.15 -15.53 12.02
N TYR B 115 2.95 -15.70 13.34
CA TYR B 115 1.69 -16.28 13.81
C TYR B 115 0.51 -15.40 13.43
N LEU B 116 0.69 -14.08 13.47
CA LEU B 116 -0.40 -13.18 13.12
C LEU B 116 -0.71 -13.23 11.63
N ALA B 117 0.32 -13.22 10.79
CA ALA B 117 0.09 -13.33 9.34
C ALA B 117 -0.63 -14.63 9.02
N THR B 118 -0.14 -15.75 9.57
CA THR B 118 -0.80 -17.04 9.33
C THR B 118 -2.26 -17.00 9.77
N ALA B 119 -2.53 -16.41 10.93
CA ALA B 119 -3.90 -16.38 11.44
C ALA B 119 -4.80 -15.47 10.57
N LEU B 120 -4.27 -14.35 10.10
CA LEU B 120 -5.08 -13.42 9.31
C LEU B 120 -5.41 -14.03 7.94
N LEU B 121 -4.45 -14.73 7.33
CA LEU B 121 -4.74 -15.47 6.11
C LEU B 121 -5.79 -16.55 6.37
N THR B 122 -5.60 -17.34 7.43
CA THR B 122 -6.57 -18.37 7.78
C THR B 122 -7.97 -17.77 7.89
N LEU B 123 -8.08 -16.63 8.58
CA LEU B 123 -9.39 -15.98 8.73
C LEU B 123 -10.00 -15.63 7.38
N GLN B 124 -9.22 -14.99 6.50
CA GLN B 124 -9.78 -14.65 5.21
C GLN B 124 -10.25 -15.87 4.42
N GLN B 125 -9.73 -17.06 4.74
CA GLN B 125 -10.15 -18.24 3.98
C GLN B 125 -11.33 -19.01 4.54
N ILE B 126 -11.93 -18.57 5.65
CA ILE B 126 -13.02 -19.32 6.26
C ILE B 126 -14.21 -18.39 6.47
N GLU B 127 -15.36 -19.02 6.75
CA GLU B 127 -16.63 -18.31 6.93
C GLU B 127 -16.78 -18.02 8.42
N LEU B 128 -16.56 -16.76 8.80
CA LEU B 128 -16.61 -16.37 10.21
C LEU B 128 -17.01 -14.90 10.30
N LYS B 129 -17.99 -14.62 11.16
CA LYS B 129 -18.42 -13.25 11.44
C LYS B 129 -18.20 -12.96 12.93
N PHE B 130 -17.69 -11.76 13.21
CA PHE B 130 -17.36 -11.39 14.58
C PHE B 130 -18.51 -10.65 15.25
N ASN B 131 -18.58 -10.77 16.56
CA ASN B 131 -19.62 -10.13 17.37
C ASN B 131 -19.23 -8.70 17.73
N PRO B 132 -18.05 -8.48 18.30
CA PRO B 132 -17.68 -7.13 18.74
C PRO B 132 -17.64 -6.17 17.57
N PRO B 133 -18.33 -5.04 17.66
CA PRO B 133 -18.31 -4.07 16.54
C PRO B 133 -16.90 -3.67 16.13
N ALA B 134 -16.01 -3.48 17.10
CA ALA B 134 -14.63 -3.14 16.77
C ALA B 134 -14.02 -4.20 15.86
N LEU B 135 -14.21 -5.47 16.16
CA LEU B 135 -13.67 -6.52 15.31
C LEU B 135 -14.31 -6.51 13.94
N GLN B 136 -15.63 -6.32 13.86
CA GLN B 136 -16.29 -6.26 12.56
C GLN B 136 -15.66 -5.19 11.68
N ASP B 137 -15.58 -3.95 12.19
CA ASP B 137 -15.07 -2.85 11.38
C ASP B 137 -13.59 -3.03 11.07
N ALA B 138 -12.79 -3.40 12.07
CA ALA B 138 -11.37 -3.63 11.85
C ALA B 138 -11.14 -4.70 10.79
N TYR B 139 -11.95 -5.76 10.80
CA TYR B 139 -11.75 -6.87 9.88
C TYR B 139 -12.20 -6.53 8.47
N TYR B 140 -13.33 -5.83 8.34
CA TYR B 140 -13.71 -5.34 7.01
C TYR B 140 -12.59 -4.50 6.42
N ARG B 141 -11.99 -3.61 7.23
CA ARG B 141 -10.86 -2.82 6.74
C ARG B 141 -9.64 -3.70 6.46
N ALA B 142 -9.42 -4.75 7.25
CA ALA B 142 -8.26 -5.60 7.04
C ALA B 142 -8.37 -6.39 5.75
N ARG B 143 -9.60 -6.75 5.34
CA ARG B 143 -9.79 -7.48 4.10
C ARG B 143 -9.50 -6.63 2.87
N ALA B 144 -9.58 -5.30 3.01
CA ALA B 144 -9.25 -4.38 1.94
C ALA B 144 -7.83 -3.84 2.03
N GLY B 145 -6.99 -4.44 2.88
CA GLY B 145 -5.58 -4.10 2.93
C GLY B 145 -5.13 -3.26 4.10
N GLU B 146 -6.04 -2.80 4.96
CA GLU B 146 -5.69 -1.96 6.10
C GLU B 146 -5.99 -2.72 7.39
N ALA B 147 -5.03 -3.56 7.80
CA ALA B 147 -5.21 -4.47 8.91
C ALA B 147 -4.54 -4.01 10.21
N ALA B 148 -3.92 -2.83 10.23
CA ALA B 148 -3.28 -2.35 11.45
C ALA B 148 -4.22 -2.41 12.65
N ASN B 149 -5.44 -1.86 12.49
CA ASN B 149 -6.42 -1.87 13.57
C ASN B 149 -6.78 -3.30 13.97
N PHE B 150 -7.06 -4.14 12.98
CA PHE B 150 -7.40 -5.52 13.25
C PHE B 150 -6.29 -6.25 14.02
N CYS B 151 -5.03 -6.03 13.64
CA CYS B 151 -3.93 -6.73 14.30
C CYS B 151 -3.71 -6.23 15.72
N ALA B 152 -3.74 -4.91 15.92
CA ALA B 152 -3.67 -4.39 17.28
C ALA B 152 -4.79 -4.96 18.15
N LEU B 153 -6.01 -5.02 17.58
CA LEU B 153 -7.13 -5.60 18.33
C LEU B 153 -6.86 -7.04 18.70
N ILE B 154 -6.35 -7.84 17.76
CA ILE B 154 -6.04 -9.23 18.06
C ILE B 154 -5.06 -9.32 19.22
N LEU B 155 -3.98 -8.54 19.15
CA LEU B 155 -3.01 -8.51 20.23
C LEU B 155 -3.68 -8.20 21.57
N ALA B 156 -4.58 -7.20 21.58
CA ALA B 156 -5.25 -6.85 22.83
C ALA B 156 -6.14 -7.99 23.33
N TYR B 157 -6.99 -8.52 22.45
CA TYR B 157 -7.85 -9.63 22.81
C TYR B 157 -7.05 -10.86 23.23
N CYS B 158 -5.97 -11.15 22.52
CA CYS B 158 -5.13 -12.30 22.84
C CYS B 158 -4.16 -12.02 23.99
N ASN B 159 -4.21 -10.83 24.59
CA ASN B 159 -3.34 -10.48 25.71
C ASN B 159 -1.86 -10.70 25.37
N LYS B 160 -1.45 -10.19 24.21
CA LYS B 160 -0.08 -10.32 23.73
C LYS B 160 0.44 -8.97 23.27
N THR B 161 1.73 -8.74 23.48
CA THR B 161 2.37 -7.50 23.05
C THR B 161 3.19 -7.74 21.79
N VAL B 162 3.36 -6.66 21.01
CA VAL B 162 4.12 -6.72 19.78
C VAL B 162 5.56 -7.16 20.07
N GLY B 163 6.16 -7.84 19.10
CA GLY B 163 7.47 -8.45 19.28
C GLY B 163 7.45 -9.75 20.05
N GLU B 164 6.30 -10.17 20.56
CA GLU B 164 6.16 -11.38 21.36
C GLU B 164 5.66 -12.51 20.46
N LEU B 165 6.38 -13.63 20.45
CA LEU B 165 5.99 -14.75 19.61
C LEU B 165 4.63 -15.29 20.06
N GLY B 166 3.94 -15.94 19.13
CA GLY B 166 2.59 -16.41 19.39
C GLY B 166 2.34 -17.76 18.75
N ASP B 167 1.34 -18.44 19.30
CA ASP B 167 0.81 -19.67 18.75
C ASP B 167 -0.44 -19.36 17.96
N VAL B 168 -0.51 -19.85 16.72
CA VAL B 168 -1.70 -19.62 15.92
C VAL B 168 -2.93 -20.19 16.59
N ARG B 169 -2.83 -21.44 17.09
CA ARG B 169 -4.02 -22.11 17.60
C ARG B 169 -4.67 -21.33 18.74
N GLU B 170 -3.86 -20.82 19.67
CA GLU B 170 -4.40 -20.03 20.77
C GLU B 170 -5.02 -18.73 20.27
N THR B 171 -4.36 -18.07 19.32
CA THR B 171 -4.90 -16.85 18.72
C THR B 171 -6.29 -17.12 18.15
N MET B 172 -6.43 -18.21 17.41
CA MET B 172 -7.71 -18.54 16.81
C MET B 172 -8.74 -18.91 17.87
N SER B 173 -8.31 -19.49 18.99
CA SER B 173 -9.25 -19.78 20.07
C SER B 173 -9.83 -18.49 20.63
N TYR B 174 -8.97 -17.52 20.94
CA TYR B 174 -9.46 -16.24 21.43
C TYR B 174 -10.38 -15.57 20.41
N LEU B 175 -10.00 -15.61 19.13
CA LEU B 175 -10.85 -14.97 18.11
C LEU B 175 -12.20 -15.66 17.98
N PHE B 176 -12.19 -17.00 17.88
CA PHE B 176 -13.43 -17.75 17.83
C PHE B 176 -14.33 -17.38 19.01
N GLN B 177 -13.74 -17.15 20.18
CA GLN B 177 -14.55 -16.76 21.32
C GLN B 177 -15.25 -15.42 21.14
N HIS B 178 -14.78 -14.54 20.26
CA HIS B 178 -15.49 -13.30 19.94
C HIS B 178 -16.19 -13.38 18.59
N ALA B 179 -16.54 -14.59 18.14
CA ALA B 179 -17.24 -14.79 16.89
C ALA B 179 -18.55 -15.51 17.13
N ASN B 180 -19.42 -15.45 16.14
CA ASN B 180 -20.74 -16.06 16.19
C ASN B 180 -20.63 -17.49 15.71
N LEU B 181 -20.71 -18.45 16.64
CA LEU B 181 -20.72 -19.88 16.36
C LEU B 181 -22.01 -20.53 16.81
N ASP B 182 -23.10 -19.76 16.80
CA ASP B 182 -24.39 -20.27 17.29
C ASP B 182 -24.89 -21.43 16.44
N SER B 183 -24.69 -21.35 15.13
CA SER B 183 -25.07 -22.42 14.22
C SER B 183 -24.09 -23.60 14.26
N CYS B 184 -23.13 -23.61 15.16
CA CYS B 184 -22.11 -24.66 15.21
C CYS B 184 -22.41 -25.63 16.34
N LYS B 185 -22.14 -26.92 16.09
CA LYS B 185 -22.41 -27.98 17.05
C LYS B 185 -21.60 -29.21 16.66
N ARG B 186 -20.88 -29.79 17.62
CA ARG B 186 -20.10 -31.01 17.37
C ARG B 186 -20.52 -32.09 18.36
N VAL B 187 -20.73 -33.32 17.87
CA VAL B 187 -21.12 -34.42 18.71
C VAL B 187 -20.11 -35.55 18.55
N LEU B 188 -19.58 -36.01 19.67
CA LEU B 188 -18.54 -37.02 19.75
C LEU B 188 -19.01 -38.20 20.60
N ASN B 189 -18.41 -39.38 20.33
CA ASN B 189 -18.70 -40.59 21.08
C ASN B 189 -17.40 -41.26 21.48
N VAL B 190 -17.38 -41.88 22.65
CA VAL B 190 -16.19 -42.54 23.18
C VAL B 190 -16.50 -44.02 23.41
N VAL B 191 -15.60 -44.88 22.95
CA VAL B 191 -15.79 -46.32 23.03
C VAL B 191 -14.88 -46.95 24.08
N GLN B 198 -20.90 -43.06 25.37
CA GLN B 198 -20.83 -41.81 26.13
C GLN B 198 -20.86 -40.59 25.22
N GLN B 199 -21.91 -40.44 24.42
CA GLN B 199 -21.94 -39.32 23.47
C GLN B 199 -22.03 -37.97 24.20
N THR B 200 -21.46 -36.95 23.57
CA THR B 200 -21.35 -35.62 24.14
C THR B 200 -21.54 -34.60 23.03
N THR B 201 -22.19 -33.49 23.36
CA THR B 201 -22.36 -32.37 22.45
C THR B 201 -21.53 -31.19 22.93
N LEU B 202 -20.79 -30.60 22.00
CA LEU B 202 -19.88 -29.49 22.23
C LEU B 202 -20.38 -28.29 21.46
N LYS B 203 -20.46 -27.16 22.15
CA LYS B 203 -20.86 -25.90 21.56
C LYS B 203 -19.76 -24.87 21.78
N GLY B 204 -19.93 -23.70 21.17
CA GLY B 204 -18.90 -22.69 21.30
C GLY B 204 -17.65 -23.09 20.55
N VAL B 205 -16.51 -22.62 21.05
CA VAL B 205 -15.25 -22.81 20.33
C VAL B 205 -14.97 -24.30 20.12
N GLU B 206 -15.33 -25.14 21.09
CA GLU B 206 -15.04 -26.56 20.97
C GLU B 206 -15.83 -27.24 19.87
N ALA B 207 -16.86 -26.59 19.33
CA ALA B 207 -17.60 -27.14 18.21
C ALA B 207 -16.79 -27.14 16.92
N VAL B 208 -15.68 -26.41 16.87
CA VAL B 208 -14.88 -26.35 15.64
C VAL B 208 -13.40 -26.63 15.86
N MET B 209 -12.86 -26.54 17.07
CA MET B 209 -11.44 -26.73 17.32
C MET B 209 -11.21 -28.07 18.01
N TYR B 210 -10.27 -28.86 17.49
CA TYR B 210 -9.84 -30.07 18.15
C TYR B 210 -8.31 -30.12 18.19
N MET B 211 -7.80 -30.73 19.25
CA MET B 211 -6.36 -30.89 19.47
C MET B 211 -6.03 -32.37 19.63
N GLY B 212 -5.05 -32.85 18.88
CA GLY B 212 -4.64 -34.24 19.01
C GLY B 212 -4.33 -34.93 17.69
N THR B 213 -4.89 -34.42 16.60
CA THR B 213 -4.60 -34.94 15.27
C THR B 213 -4.85 -33.85 14.24
N LEU B 214 -4.04 -33.84 13.20
CA LEU B 214 -4.23 -32.93 12.09
C LEU B 214 -5.22 -33.45 11.05
N SER B 215 -5.60 -34.72 11.12
CA SER B 215 -6.39 -35.36 10.07
C SER B 215 -7.85 -35.41 10.49
N TYR B 216 -8.69 -34.68 9.75
CA TYR B 216 -10.13 -34.73 9.95
C TYR B 216 -10.67 -36.13 9.69
N GLU B 217 -10.18 -36.78 8.63
CA GLU B 217 -10.60 -38.15 8.34
C GLU B 217 -10.28 -39.08 9.51
N GLN B 218 -9.14 -38.86 10.16
CA GLN B 218 -8.79 -39.65 11.33
C GLN B 218 -9.80 -39.41 12.45
N PHE B 219 -10.10 -38.14 12.73
CA PHE B 219 -11.14 -37.78 13.69
C PHE B 219 -12.44 -38.53 13.41
N LYS B 220 -12.81 -38.66 12.14
CA LYS B 220 -14.02 -39.39 11.78
C LYS B 220 -13.87 -40.90 12.03
N LYS B 221 -12.72 -41.47 11.64
CA LYS B 221 -12.51 -42.90 11.84
C LYS B 221 -12.27 -43.24 13.30
N GLY B 222 -11.70 -42.31 14.07
CA GLY B 222 -11.39 -42.56 15.46
C GLY B 222 -9.96 -42.20 15.83
N VAL B 223 -9.77 -41.69 17.06
CA VAL B 223 -8.46 -41.29 17.56
C VAL B 223 -8.33 -41.81 18.98
N GLN B 224 -7.09 -42.04 19.43
CA GLN B 224 -6.90 -42.60 20.76
C GLN B 224 -6.03 -41.73 21.66
N ALA B 233 -10.11 -46.65 23.95
CA ALA B 233 -9.97 -45.26 24.39
C ALA B 233 -10.00 -44.30 23.20
N THR B 234 -10.97 -44.49 22.31
CA THR B 234 -11.03 -43.79 21.04
C THR B 234 -12.28 -42.92 20.97
N LYS B 235 -12.09 -41.65 20.62
CA LYS B 235 -13.18 -40.74 20.27
C LYS B 235 -13.36 -40.73 18.75
N TYR B 236 -14.62 -40.75 18.32
CA TYR B 236 -14.94 -40.55 16.92
C TYR B 236 -16.06 -39.54 16.80
N LEU B 237 -16.01 -38.76 15.73
CA LEU B 237 -17.00 -37.73 15.47
C LEU B 237 -18.30 -38.38 15.01
N VAL B 238 -19.37 -38.13 15.76
CA VAL B 238 -20.71 -38.57 15.37
C VAL B 238 -21.35 -37.57 14.42
N GLN B 239 -21.29 -36.27 14.76
CA GLN B 239 -21.94 -35.27 13.92
C GLN B 239 -21.20 -33.95 13.97
N GLN B 240 -21.06 -33.31 12.81
CA GLN B 240 -20.50 -31.98 12.73
C GLN B 240 -21.51 -31.06 12.04
N GLU B 241 -21.72 -29.88 12.62
CA GLU B 241 -22.53 -28.82 12.03
C GLU B 241 -21.71 -27.54 12.17
N SER B 242 -21.02 -27.17 11.11
CA SER B 242 -20.18 -25.97 11.11
C SER B 242 -19.67 -25.73 9.70
N PRO B 243 -19.27 -24.50 9.39
CA PRO B 243 -18.72 -24.20 8.06
C PRO B 243 -17.24 -24.52 7.91
N PHE B 244 -16.55 -24.85 8.99
CA PHE B 244 -15.15 -25.26 8.92
C PHE B 244 -14.86 -26.10 10.16
N VAL B 245 -13.68 -26.72 10.14
CA VAL B 245 -13.11 -27.37 11.31
C VAL B 245 -11.63 -27.08 11.33
N MET B 246 -11.10 -26.96 12.54
CA MET B 246 -9.68 -26.72 12.78
C MET B 246 -9.11 -27.91 13.55
N MET B 247 -8.43 -28.79 12.84
CA MET B 247 -7.73 -29.93 13.45
C MET B 247 -6.33 -29.47 13.84
N SER B 248 -5.99 -29.62 15.11
CA SER B 248 -4.69 -29.20 15.60
C SER B 248 -3.97 -30.37 16.27
N ALA B 249 -2.64 -30.36 16.15
CA ALA B 249 -1.80 -31.33 16.82
C ALA B 249 -0.43 -30.69 17.04
N PRO B 250 0.34 -31.19 18.00
CA PRO B 250 1.73 -30.73 18.13
C PRO B 250 2.44 -30.85 16.80
N PRO B 251 3.27 -29.88 16.45
CA PRO B 251 3.85 -29.84 15.09
C PRO B 251 4.51 -31.16 14.71
N ALA B 252 4.22 -31.63 13.50
CA ALA B 252 4.84 -32.89 13.07
C ALA B 252 4.85 -32.97 11.55
N GLN B 253 5.55 -33.97 11.02
CA GLN B 253 5.68 -34.14 9.58
C GLN B 253 4.38 -34.67 9.00
N TYR B 254 3.71 -33.85 8.19
CA TYR B 254 2.43 -34.18 7.58
C TYR B 254 2.53 -33.92 6.09
N GLU B 255 1.70 -34.61 5.31
CA GLU B 255 1.65 -34.45 3.86
C GLU B 255 0.35 -33.74 3.50
N LEU B 256 0.48 -32.59 2.84
CA LEU B 256 -0.65 -31.85 2.30
C LEU B 256 -0.75 -32.11 0.80
N LYS B 257 -1.90 -32.66 0.39
CA LYS B 257 -2.26 -32.92 -0.99
C LYS B 257 -3.36 -31.96 -1.40
N HIS B 258 -3.17 -31.29 -2.54
CA HIS B 258 -4.13 -30.27 -2.97
C HIS B 258 -5.52 -30.88 -3.11
N GLY B 259 -6.53 -30.17 -2.58
CA GLY B 259 -7.91 -30.59 -2.64
C GLY B 259 -8.46 -31.19 -1.37
N THR B 260 -7.59 -31.67 -0.47
CA THR B 260 -8.02 -32.40 0.72
C THR B 260 -8.12 -31.53 1.96
N PHE B 261 -7.81 -30.24 1.86
CA PHE B 261 -7.83 -29.34 3.00
C PHE B 261 -7.98 -27.92 2.48
N THR B 262 -8.39 -27.02 3.36
CA THR B 262 -8.50 -25.62 3.00
C THR B 262 -7.18 -24.88 3.22
N CYS B 263 -6.60 -25.02 4.40
CA CYS B 263 -5.29 -24.42 4.60
C CYS B 263 -4.69 -25.00 5.87
N ALA B 264 -3.44 -24.63 6.13
CA ALA B 264 -2.75 -25.19 7.28
C ALA B 264 -1.62 -24.26 7.71
N SER B 265 -1.27 -24.38 8.98
CA SER B 265 -0.15 -23.66 9.57
C SER B 265 1.07 -24.58 9.61
N GLU B 266 2.21 -24.06 9.16
CA GLU B 266 3.49 -24.72 9.30
C GLU B 266 4.30 -24.00 10.37
N TYR B 267 4.86 -24.77 11.30
CA TYR B 267 5.69 -24.22 12.37
C TYR B 267 7.02 -24.96 12.37
N THR B 268 8.09 -24.26 12.00
CA THR B 268 9.43 -24.83 12.08
C THR B 268 10.15 -24.24 13.28
N GLY B 269 10.70 -25.11 14.13
CA GLY B 269 11.40 -24.66 15.33
C GLY B 269 11.17 -25.55 16.54
N ASN B 270 11.13 -24.95 17.72
CA ASN B 270 10.80 -25.63 18.96
C ASN B 270 9.77 -24.78 19.71
N TYR B 271 9.35 -25.26 20.89
CA TYR B 271 8.34 -24.53 21.65
C TYR B 271 8.78 -23.09 21.94
N GLN B 272 10.06 -22.88 22.21
CA GLN B 272 10.53 -21.55 22.61
C GLN B 272 10.73 -20.63 21.41
N CYS B 273 11.33 -21.12 20.33
CA CYS B 273 11.69 -20.30 19.18
C CYS B 273 11.23 -21.00 17.91
N GLY B 274 10.47 -20.29 17.08
CA GLY B 274 9.96 -20.89 15.85
C GLY B 274 9.52 -19.83 14.86
N HIS B 275 9.17 -20.32 13.66
CA HIS B 275 8.67 -19.48 12.58
C HIS B 275 7.47 -20.17 11.94
N TYR B 276 6.48 -19.36 11.54
CA TYR B 276 5.24 -19.83 10.94
C TYR B 276 5.23 -19.54 9.45
N LYS B 277 4.66 -20.46 8.68
CA LYS B 277 4.29 -20.24 7.28
C LYS B 277 2.87 -20.74 7.07
N HIS B 278 2.21 -20.24 6.05
CA HIS B 278 0.81 -20.56 5.81
C HIS B 278 0.69 -21.30 4.49
N ILE B 279 0.16 -22.52 4.52
CA ILE B 279 -0.07 -23.32 3.33
C ILE B 279 -1.54 -23.19 2.94
N THR B 280 -1.79 -22.81 1.69
CA THR B 280 -3.17 -22.71 1.20
C THR B 280 -3.33 -23.60 -0.03
N SER B 281 -4.55 -24.07 -0.23
CA SER B 281 -4.89 -25.05 -1.28
C SER B 281 -5.66 -24.37 -2.41
N LYS B 282 -4.97 -24.10 -3.51
CA LYS B 282 -5.62 -23.66 -4.74
C LYS B 282 -5.32 -24.67 -5.83
N GLU B 283 -5.06 -24.22 -7.06
CA GLU B 283 -4.78 -25.18 -8.13
C GLU B 283 -3.50 -25.96 -7.82
N THR B 284 -2.48 -25.27 -7.30
CA THR B 284 -1.35 -25.91 -6.64
C THR B 284 -1.37 -25.51 -5.17
N LEU B 285 -0.40 -26.01 -4.43
CA LEU B 285 -0.22 -25.60 -3.05
C LEU B 285 0.61 -24.33 -3.00
N TYR B 286 0.15 -23.33 -2.26
CA TYR B 286 0.90 -22.10 -2.08
C TYR B 286 1.40 -22.02 -0.65
N CYS B 287 2.64 -21.58 -0.49
CA CYS B 287 3.22 -21.26 0.80
C CYS B 287 3.44 -19.76 0.88
N ILE B 288 2.84 -19.14 1.89
CA ILE B 288 2.89 -17.71 2.13
C ILE B 288 3.66 -17.49 3.43
N ASP B 289 4.78 -16.80 3.35
CA ASP B 289 5.65 -16.49 4.49
C ASP B 289 5.75 -14.96 4.55
N GLY B 290 4.80 -14.34 5.23
CA GLY B 290 4.76 -12.89 5.30
C GLY B 290 4.51 -12.29 3.93
N ALA B 291 5.52 -11.63 3.37
CA ALA B 291 5.44 -11.06 2.03
C ALA B 291 5.93 -12.00 0.94
N LEU B 292 6.46 -13.17 1.31
CA LEU B 292 7.08 -14.09 0.38
C LEU B 292 6.09 -15.19 -0.03
N LEU B 293 6.22 -15.63 -1.28
CA LEU B 293 5.31 -16.62 -1.85
C LEU B 293 6.10 -17.64 -2.66
N THR B 294 5.83 -18.93 -2.41
CA THR B 294 6.38 -20.00 -3.23
C THR B 294 5.31 -21.04 -3.49
N LYS B 295 5.20 -21.50 -4.72
CA LYS B 295 4.24 -22.54 -5.04
C LYS B 295 4.94 -23.89 -5.16
N SER B 296 4.28 -24.93 -4.65
CA SER B 296 4.71 -26.30 -4.83
C SER B 296 3.51 -27.13 -5.25
N SER B 297 3.78 -28.28 -5.89
CA SER B 297 2.73 -29.15 -6.39
C SER B 297 2.26 -30.14 -5.34
N GLU B 298 3.16 -30.61 -4.48
CA GLU B 298 2.83 -31.45 -3.34
C GLU B 298 3.55 -30.89 -2.11
N TYR B 299 3.06 -31.25 -0.92
CA TYR B 299 3.71 -30.70 0.26
C TYR B 299 3.91 -31.77 1.32
N LYS B 300 5.08 -31.75 1.96
CA LYS B 300 5.31 -32.45 3.21
C LYS B 300 6.16 -31.57 4.10
N GLY B 301 5.72 -31.40 5.34
CA GLY B 301 6.40 -30.49 6.24
C GLY B 301 5.82 -30.48 7.63
N PRO B 302 6.42 -29.68 8.52
CA PRO B 302 5.90 -29.56 9.88
C PRO B 302 4.58 -28.77 9.93
N ILE B 303 3.48 -29.48 10.16
CA ILE B 303 2.16 -28.87 10.23
C ILE B 303 1.64 -29.03 11.65
N THR B 304 0.88 -28.03 12.11
CA THR B 304 0.33 -28.01 13.46
C THR B 304 -1.17 -27.70 13.46
N ASP B 305 -1.64 -26.91 12.48
CA ASP B 305 -3.07 -26.65 12.31
C ASP B 305 -3.48 -26.94 10.88
N VAL B 306 -4.65 -27.56 10.71
CA VAL B 306 -5.23 -27.79 9.40
C VAL B 306 -6.71 -27.43 9.45
N PHE B 307 -7.12 -26.54 8.57
CA PHE B 307 -8.51 -26.10 8.45
C PHE B 307 -9.14 -26.75 7.23
N TYR B 308 -10.28 -27.41 7.47
CA TYR B 308 -11.09 -28.05 6.44
C TYR B 308 -12.46 -27.39 6.36
N LYS B 309 -13.07 -27.49 5.17
CA LYS B 309 -14.44 -27.05 4.99
C LYS B 309 -15.43 -28.11 5.48
N GLU B 310 -16.56 -27.64 6.01
CA GLU B 310 -17.63 -28.53 6.45
C GLU B 310 -18.96 -27.82 6.25
N ASN B 311 -20.03 -28.59 6.43
CA ASN B 311 -21.37 -28.03 6.49
C ASN B 311 -22.22 -28.89 7.40
N SER B 312 -22.37 -30.16 7.04
CA SER B 312 -23.08 -31.13 7.88
C SER B 312 -22.55 -32.52 7.58
N TYR B 313 -21.92 -33.14 8.57
CA TYR B 313 -21.37 -34.49 8.48
C TYR B 313 -22.02 -35.36 9.55
N THR B 314 -22.47 -36.55 9.15
CA THR B 314 -23.10 -37.50 10.07
C THR B 314 -22.45 -38.86 9.92
N THR B 315 -21.96 -39.40 11.02
CA THR B 315 -21.13 -40.60 10.97
C THR B 315 -21.95 -41.81 10.54
N THR B 316 -21.34 -42.66 9.69
CA THR B 316 -21.95 -43.93 9.33
C THR B 316 -21.75 -44.99 10.39
N ILE B 317 -20.78 -44.79 11.29
CA ILE B 317 -20.57 -45.73 12.39
C ILE B 317 -21.84 -45.85 13.22
N LYS B 318 -22.08 -47.05 13.74
CA LYS B 318 -23.25 -47.31 14.58
C LYS B 318 -22.84 -47.76 15.98
F29 S88 C . 26.79 12.93 -20.51
C27 S88 C . 25.86 12.58 -21.45
C26 S88 C . 26.15 12.80 -22.76
C25 S88 C . 25.21 12.40 -23.69
C24 S88 C . 24.03 11.79 -23.29
C28 S88 C . 24.71 11.98 -21.01
C23 S88 C . 23.76 11.58 -21.95
C22 S88 C . 22.46 10.96 -21.52
N21 S88 C . 22.62 9.95 -20.48
C19 S88 C . 21.71 9.75 -19.53
O20 S88 C . 20.60 10.29 -19.56
C16 S88 C . 22.09 8.76 -18.45
C15 S88 C . 20.86 7.91 -18.12
C14 S88 C . 21.20 6.86 -17.05
N13 S88 C . 21.89 7.43 -15.87
C18 S88 C . 23.03 8.29 -16.24
C17 S88 C . 22.60 9.40 -17.17
C11 S88 C . 22.37 6.38 -14.95
C12 S88 C . 21.21 5.89 -14.10
C10 S88 C . 23.63 6.65 -14.15
C2 S88 C . 24.88 6.18 -14.65
C1 S88 C . 25.01 5.50 -15.88
C6 S88 C . 26.22 5.13 -16.36
C5 S88 C . 27.36 5.39 -15.65
C4 S88 C . 27.30 6.03 -14.44
C3 S88 C . 26.07 6.45 -13.91
C7 S88 C . 25.96 7.17 -12.69
C8 S88 C . 24.75 7.60 -12.23
C9 S88 C . 23.60 7.34 -12.96
H1 S88 C . 27.08 13.27 -23.07
H2 S88 C . 25.41 12.55 -24.76
H3 S88 C . 23.31 11.48 -24.05
H4 S88 C . 24.53 11.83 -19.95
H5 S88 C . 21.80 11.76 -21.19
H6 S88 C . 21.99 10.54 -22.41
H7 S88 C . 23.48 9.41 -20.51
H8 S88 C . 22.90 8.12 -18.80
H9 S88 C . 20.05 8.56 -17.79
H10 S88 C . 20.48 7.44 -19.02
H11 S88 C . 20.27 6.38 -16.78
H12 S88 C . 21.79 6.11 -17.55
H14 S88 C . 23.83 7.73 -16.71
H15 S88 C . 23.50 8.73 -15.36
H16 S88 C . 21.85 10.03 -16.70
H17 S88 C . 23.45 10.07 -17.36
H18 S88 C . 22.76 5.60 -15.60
H19 S88 C . 21.57 5.25 -13.30
H20 S88 C . 20.68 6.74 -13.66
H21 S88 C . 20.50 5.33 -14.71
H22 S88 C . 24.12 5.26 -16.47
H23 S88 C . 26.29 4.61 -17.32
H24 S88 C . 28.33 5.09 -16.05
H25 S88 C . 28.21 6.23 -13.88
H26 S88 C . 26.87 7.37 -12.12
H27 S88 C . 24.68 8.15 -11.30
H28 S88 C . 22.65 7.69 -12.56
ZN ZN D . -3.97 24.38 -48.33
ZN ZN E . 8.72 12.07 -34.05
ZN ZN F . -2.83 25.65 -8.10
ZN ZN G . -9.02 33.98 -20.52
S DMS H . 21.26 13.44 -18.84
O DMS H . 21.22 14.85 -19.30
C1 DMS H . 22.02 13.36 -17.19
C2 DMS H . 19.57 12.89 -18.44
H11 DMS H . 22.00 12.36 -16.83
H12 DMS H . 21.47 13.98 -16.52
H13 DMS H . 23.02 13.70 -17.24
H21 DMS H . 19.61 11.99 -17.90
H22 DMS H . 19.02 12.76 -19.34
H23 DMS H . 19.09 13.64 -17.85
F29 S88 I . 8.33 -21.20 26.57
C27 S88 I . 8.54 -20.20 25.66
C26 S88 I . 9.71 -19.50 25.76
C25 S88 I . 9.92 -18.50 24.82
C24 S88 I . 8.98 -18.24 23.84
C28 S88 I . 7.58 -19.97 24.72
C23 S88 I . 7.79 -18.96 23.78
C22 S88 I . 6.73 -18.63 22.76
N21 S88 I . 6.46 -19.72 21.83
C19 S88 I . 5.24 -19.94 21.33
O20 S88 I . 4.31 -19.15 21.48
C16 S88 I . 5.07 -21.22 20.55
C15 S88 I . 4.11 -21.00 19.38
C14 S88 I . 3.96 -22.29 18.57
N13 S88 I . 3.58 -23.45 19.41
C18 S88 I . 4.43 -23.63 20.58
C17 S88 I . 4.53 -22.36 21.42
C11 S88 I . 3.54 -24.73 18.68
C12 S88 I . 2.69 -24.57 17.43
C10 S88 I . 3.19 -25.99 19.47
C2 S88 I . 4.23 -26.85 19.91
C1 S88 I . 5.60 -26.62 19.62
C6 S88 I . 6.56 -27.45 20.08
C5 S88 I . 6.24 -28.54 20.86
C4 S88 I . 4.95 -28.82 21.18
C3 S88 I . 3.90 -27.98 20.71
C7 S88 I . 2.54 -28.22 21.02
C8 S88 I . 1.56 -27.40 20.56
C9 S88 I . 1.88 -26.29 19.78
H1 S88 I . 10.45 -19.70 26.52
H2 S88 I . 10.84 -17.92 24.85
H3 S88 I . 9.17 -17.45 23.11
H4 S88 I . 6.67 -20.58 24.69
H5 S88 I . 5.84 -18.33 23.29
H6 S88 I . 7.06 -17.74 22.23
H7 S88 I . 7.25 -20.30 21.59
H8 S88 I . 6.03 -21.55 20.15
H9 S88 I . 3.17 -20.64 19.74
H10 S88 I . 4.49 -20.18 18.75
H11 S88 I . 3.22 -22.08 17.79
H12 S88 I . 4.90 -22.45 18.05
H14 S88 I . 4.08 -24.43 21.23
H15 S88 I . 5.44 -23.94 20.31
H16 S88 I . 3.56 -22.12 21.83
H17 S88 I . 5.17 -22.54 22.28
H18 S88 I . 4.57 -24.97 18.43
H19 S88 I . 2.47 -25.55 16.99
H20 S88 I . 1.73 -24.10 17.68
H21 S88 I . 3.20 -23.97 16.70
H22 S88 I . 5.89 -25.78 19.00
H23 S88 I . 7.62 -27.25 19.84
H24 S88 I . 7.05 -29.18 21.22
H25 S88 I . 4.69 -29.68 21.79
H26 S88 I . 2.28 -29.09 21.63
H27 S88 I . 0.51 -27.60 20.78
H28 S88 I . 1.07 -25.65 19.43
ZN ZN J . 7.49 -1.74 16.08
ZN ZN K . -6.26 -32.56 -8.73
ZN ZN L . -20.30 9.40 25.28
ZN ZN M . 5.60 21.26 20.30
ZN ZN N . -22.82 -5.91 21.32
S DMS O . 2.99 -19.30 24.25
O DMS O . 3.33 -18.51 25.47
C1 DMS O . 2.04 -18.26 23.10
C2 DMS O . 1.74 -20.55 24.68
H11 DMS O . 2.63 -17.42 22.81
H12 DMS O . 1.16 -17.91 23.58
H13 DMS O . 1.78 -18.83 22.24
H21 DMS O . 0.84 -20.07 24.95
H22 DMS O . 2.09 -21.12 25.49
H23 DMS O . 1.57 -21.18 23.85
#